data_1GVN
#
_entry.id   1GVN
#
_cell.length_a   59.236
_cell.length_b   79.847
_cell.length_c   191.439
_cell.angle_alpha   90.00
_cell.angle_beta   90.00
_cell.angle_gamma   90.00
#
_symmetry.space_group_name_H-M   'P 21 21 21'
#
loop_
_entity.id
_entity.type
_entity.pdbx_description
1 polymer EPSILON
2 polymer ZETA
3 non-polymer 'SULFATE ION'
4 water water
#
loop_
_entity_poly.entity_id
_entity_poly.type
_entity_poly.pdbx_seq_one_letter_code
_entity_poly.pdbx_strand_id
1 'polypeptide(L)'
;MAVTYEKTFEIEIINELSASVYNRVLNYVLNHELNKNDSQLLEVNLLNQLKLAKRVNLFDYSLEELQAVHEYWRSMNRYS
KQVLNKEKVA
;
A,C
2 'polypeptide(L)'
;MANIVNFTDKQFENRLNDNLEELIQGKKAVESPTAFLLGGQPGSGKTSLRSAIFEETQGNVIVIDNDTFKQQHPNFDELV
KLYEKDVVKHVTPYSNRMTEAIISRLSDQGYNLVIEGTGRTTDVPIQTATMLQAKGYETKMYVMAVPKINSYLGTIERYE
TMYADDPMTARATPKQAHDIVVKNLPTNLETLHKTGLFSDIRLYNREGVKLYSSLETPSISPKETLEKELNRKVSGKEIQ
PTLERIEQKMVLNKHQETPEFKAIQQKLESLQPPTPPIPKTPKLPGI
;
B,D
#
# COMPACT_ATOMS: atom_id res chain seq x y z
N VAL A 3 23.34 12.63 -9.48
CA VAL A 3 21.94 12.50 -10.01
C VAL A 3 21.91 12.60 -11.54
N THR A 4 21.04 11.79 -12.15
CA THR A 4 20.88 11.78 -13.59
C THR A 4 19.53 12.35 -13.97
N TYR A 5 19.40 12.81 -15.21
CA TYR A 5 18.13 13.38 -15.67
C TYR A 5 17.05 12.31 -15.63
N GLU A 6 17.45 11.08 -15.94
CA GLU A 6 16.51 9.97 -15.95
C GLU A 6 15.89 9.77 -14.58
N LYS A 7 16.71 9.78 -13.53
CA LYS A 7 16.20 9.59 -12.17
C LYS A 7 15.42 10.82 -11.72
N THR A 8 15.92 11.99 -12.09
CA THR A 8 15.27 13.25 -11.75
C THR A 8 13.86 13.30 -12.35
N PHE A 9 13.74 12.87 -13.59
CA PHE A 9 12.44 12.87 -14.26
C PHE A 9 11.50 11.88 -13.58
N GLU A 10 12.03 10.71 -13.24
CA GLU A 10 11.23 9.69 -12.57
C GLU A 10 10.70 10.27 -11.26
N ILE A 11 11.57 10.96 -10.53
CA ILE A 11 11.19 11.57 -9.27
C ILE A 11 10.12 12.66 -9.44
N GLU A 12 10.24 13.43 -10.51
CA GLU A 12 9.26 14.49 -10.75
C GLU A 12 7.88 13.88 -11.01
N ILE A 13 7.84 12.77 -11.73
CA ILE A 13 6.58 12.11 -12.04
C ILE A 13 6.00 11.52 -10.75
N ILE A 14 6.84 10.85 -9.97
CA ILE A 14 6.40 10.26 -8.70
C ILE A 14 5.77 11.32 -7.81
N ASN A 15 6.46 12.45 -7.64
CA ASN A 15 5.95 13.51 -6.79
C ASN A 15 4.61 14.04 -7.27
N GLU A 16 4.41 14.14 -8.58
CA GLU A 16 3.14 14.62 -9.08
C GLU A 16 2.04 13.59 -8.86
N LEU A 17 2.31 12.33 -9.19
CA LEU A 17 1.31 11.29 -9.01
C LEU A 17 0.98 11.04 -7.55
N SER A 18 1.98 10.98 -6.70
CA SER A 18 1.74 10.73 -5.28
C SER A 18 0.87 11.82 -4.65
N ALA A 19 1.09 13.06 -5.04
CA ALA A 19 0.30 14.17 -4.51
C ALA A 19 -1.16 13.99 -4.92
N SER A 20 -1.37 13.52 -6.13
CA SER A 20 -2.72 13.29 -6.65
C SER A 20 -3.44 12.22 -5.83
N VAL A 21 -2.75 11.11 -5.60
CA VAL A 21 -3.32 9.99 -4.84
C VAL A 21 -3.51 10.35 -3.37
N TYR A 22 -2.49 10.96 -2.78
CA TYR A 22 -2.58 11.33 -1.37
C TYR A 22 -3.71 12.34 -1.16
N ASN A 23 -3.75 13.36 -2.01
CA ASN A 23 -4.79 14.38 -1.91
C ASN A 23 -6.19 13.82 -2.03
N ARG A 24 -6.38 12.85 -2.93
CA ARG A 24 -7.68 12.22 -3.10
C ARG A 24 -8.08 11.58 -1.77
N VAL A 25 -7.16 10.82 -1.18
CA VAL A 25 -7.43 10.15 0.08
C VAL A 25 -7.64 11.14 1.22
N LEU A 26 -6.78 12.17 1.31
CA LEU A 26 -6.92 13.17 2.36
C LEU A 26 -8.28 13.85 2.24
N ASN A 27 -8.64 14.27 1.02
CA ASN A 27 -9.92 14.94 0.81
C ASN A 27 -11.10 14.10 1.29
N TYR A 28 -11.07 12.82 0.96
CA TYR A 28 -12.13 11.90 1.36
C TYR A 28 -12.22 11.78 2.87
N VAL A 29 -11.09 11.52 3.51
CA VAL A 29 -11.06 11.40 4.97
C VAL A 29 -11.59 12.65 5.65
N LEU A 30 -11.17 13.82 5.18
CA LEU A 30 -11.63 15.06 5.77
C LEU A 30 -13.11 15.30 5.46
N ASN A 31 -13.49 15.10 4.21
CA ASN A 31 -14.89 15.32 3.82
C ASN A 31 -15.84 14.41 4.59
N HIS A 32 -15.41 13.19 4.89
CA HIS A 32 -16.27 12.28 5.61
C HIS A 32 -16.08 12.36 7.12
N GLU A 33 -15.29 13.33 7.55
CA GLU A 33 -15.03 13.55 8.96
C GLU A 33 -14.60 12.28 9.69
N LEU A 34 -13.79 11.46 9.02
CA LEU A 34 -13.31 10.24 9.64
C LEU A 34 -12.23 10.56 10.66
N ASN A 35 -12.24 9.85 11.78
CA ASN A 35 -11.25 10.05 12.83
C ASN A 35 -9.88 9.70 12.29
N LYS A 36 -9.05 10.71 12.06
CA LYS A 36 -7.71 10.51 11.52
C LYS A 36 -6.81 9.68 12.43
N ASN A 37 -7.18 9.56 13.70
CA ASN A 37 -6.38 8.79 14.65
C ASN A 37 -6.93 7.39 14.87
N ASP A 38 -7.85 6.97 14.00
CA ASP A 38 -8.44 5.63 14.10
C ASP A 38 -7.98 4.78 12.93
N SER A 39 -6.88 4.06 13.12
CA SER A 39 -6.31 3.20 12.08
C SER A 39 -7.18 2.01 11.69
N GLN A 40 -8.27 1.80 12.41
CA GLN A 40 -9.18 0.70 12.10
C GLN A 40 -10.03 1.09 10.88
N LEU A 41 -10.31 2.38 10.74
CA LEU A 41 -11.12 2.84 9.62
C LEU A 41 -10.32 2.60 8.34
N LEU A 42 -10.90 1.84 7.42
CA LEU A 42 -10.21 1.48 6.17
C LEU A 42 -9.55 2.62 5.41
N GLU A 43 -10.25 3.73 5.25
CA GLU A 43 -9.71 4.87 4.50
C GLU A 43 -8.61 5.59 5.26
N VAL A 44 -8.69 5.57 6.59
CA VAL A 44 -7.70 6.21 7.42
C VAL A 44 -6.45 5.31 7.45
N ASN A 45 -6.66 4.01 7.44
CA ASN A 45 -5.54 3.07 7.43
C ASN A 45 -4.75 3.32 6.13
N LEU A 46 -5.46 3.50 5.04
CA LEU A 46 -4.82 3.77 3.75
C LEU A 46 -4.06 5.09 3.80
N LEU A 47 -4.70 6.12 4.35
CA LEU A 47 -4.07 7.43 4.47
C LEU A 47 -2.75 7.30 5.21
N ASN A 48 -2.77 6.57 6.32
CA ASN A 48 -1.58 6.39 7.12
C ASN A 48 -0.47 5.63 6.40
N GLN A 49 -0.87 4.68 5.57
CA GLN A 49 0.13 3.97 4.78
C GLN A 49 0.78 4.89 3.76
N LEU A 50 -0.06 5.78 3.21
CA LEU A 50 0.44 6.73 2.23
C LEU A 50 1.38 7.72 2.90
N LYS A 51 1.08 8.11 4.15
CA LYS A 51 1.94 9.02 4.89
C LYS A 51 3.31 8.34 5.08
N LEU A 52 3.28 7.05 5.38
CA LEU A 52 4.50 6.28 5.59
C LEU A 52 5.31 6.25 4.28
N ALA A 53 4.60 6.04 3.17
CA ALA A 53 5.24 5.99 1.87
C ALA A 53 5.96 7.29 1.52
N LYS A 54 5.34 8.41 1.88
CA LYS A 54 5.87 9.74 1.60
C LYS A 54 7.05 10.20 2.46
N ARG A 55 7.37 9.46 3.51
CA ARG A 55 8.48 9.85 4.38
C ARG A 55 9.86 9.55 3.79
N VAL A 56 9.91 8.78 2.72
CA VAL A 56 11.18 8.40 2.12
C VAL A 56 11.88 9.49 1.32
N ASN A 57 13.20 9.41 1.26
CA ASN A 57 14.00 10.37 0.48
C ASN A 57 14.33 9.71 -0.85
N LEU A 58 13.58 10.11 -1.88
CA LEU A 58 13.75 9.54 -3.21
C LEU A 58 15.10 9.81 -3.83
N PHE A 59 15.82 10.82 -3.35
CA PHE A 59 17.12 11.14 -3.90
C PHE A 59 18.18 10.10 -3.54
N ASP A 60 17.84 9.19 -2.63
CA ASP A 60 18.77 8.17 -2.19
C ASP A 60 18.51 6.84 -2.91
N TYR A 61 17.47 6.79 -3.72
CA TYR A 61 17.10 5.59 -4.46
C TYR A 61 17.72 5.41 -5.82
N SER A 62 17.93 4.15 -6.20
CA SER A 62 18.48 3.81 -7.49
C SER A 62 17.33 3.96 -8.48
N LEU A 63 17.64 3.93 -9.77
CA LEU A 63 16.61 4.07 -10.78
C LEU A 63 15.59 2.94 -10.66
N GLU A 64 16.07 1.74 -10.35
CA GLU A 64 15.20 0.59 -10.20
C GLU A 64 14.26 0.77 -9.02
N GLU A 65 14.79 1.30 -7.92
CA GLU A 65 13.96 1.52 -6.75
C GLU A 65 12.92 2.60 -7.03
N LEU A 66 13.29 3.59 -7.84
CA LEU A 66 12.37 4.67 -8.18
C LEU A 66 11.23 4.15 -9.06
N GLN A 67 11.54 3.22 -9.96
CA GLN A 67 10.54 2.66 -10.85
C GLN A 67 9.56 1.82 -10.03
N ALA A 68 10.06 1.20 -8.97
CA ALA A 68 9.21 0.41 -8.09
C ALA A 68 8.30 1.38 -7.35
N VAL A 69 8.86 2.48 -6.86
CA VAL A 69 8.07 3.47 -6.13
C VAL A 69 7.00 4.02 -7.06
N HIS A 70 7.37 4.24 -8.32
CA HIS A 70 6.44 4.76 -9.30
C HIS A 70 5.26 3.79 -9.46
N GLU A 71 5.55 2.49 -9.50
CA GLU A 71 4.51 1.49 -9.63
C GLU A 71 3.63 1.49 -8.38
N TYR A 72 4.25 1.68 -7.22
CA TYR A 72 3.52 1.72 -5.95
C TYR A 72 2.40 2.75 -6.06
N TRP A 73 2.76 3.94 -6.52
CA TRP A 73 1.79 5.01 -6.63
C TRP A 73 0.75 4.75 -7.72
N ARG A 74 1.13 4.01 -8.76
CA ARG A 74 0.16 3.67 -9.79
C ARG A 74 -0.85 2.73 -9.16
N SER A 75 -0.37 1.74 -8.41
CA SER A 75 -1.29 0.78 -7.79
C SER A 75 -2.18 1.43 -6.75
N MET A 76 -1.63 2.36 -5.97
CA MET A 76 -2.45 3.04 -4.96
C MET A 76 -3.42 4.00 -5.63
N ASN A 77 -3.06 4.46 -6.83
CA ASN A 77 -3.95 5.35 -7.58
C ASN A 77 -5.18 4.51 -7.91
N ARG A 78 -4.94 3.30 -8.40
CA ARG A 78 -6.02 2.38 -8.76
C ARG A 78 -6.82 1.95 -7.53
N TYR A 79 -6.12 1.53 -6.49
CA TYR A 79 -6.77 1.06 -5.26
C TYR A 79 -7.61 2.13 -4.55
N SER A 80 -7.08 3.35 -4.44
CA SER A 80 -7.81 4.41 -3.76
C SER A 80 -9.15 4.69 -4.45
N LYS A 81 -9.16 4.67 -5.77
CA LYS A 81 -10.39 4.92 -6.51
C LYS A 81 -11.47 3.90 -6.17
N GLN A 82 -11.05 2.71 -5.75
CA GLN A 82 -12.00 1.66 -5.40
C GLN A 82 -12.54 1.76 -3.96
N VAL A 83 -11.63 1.90 -3.00
CA VAL A 83 -12.03 1.99 -1.60
C VAL A 83 -12.81 3.23 -1.21
N LEU A 84 -12.57 4.33 -1.90
CA LEU A 84 -13.27 5.58 -1.59
C LEU A 84 -14.67 5.47 -2.17
N ASN A 85 -15.48 4.57 -1.57
CA ASN A 85 -16.81 4.17 -2.02
C ASN A 85 -17.89 5.05 -1.41
N LYS A 86 -17.89 5.37 -0.14
CA LYS A 86 -18.96 6.15 0.47
C LYS A 86 -19.17 7.51 -0.19
N GLU A 87 -20.43 7.91 -0.29
CA GLU A 87 -20.80 9.18 -0.91
C GLU A 87 -20.93 10.27 0.14
N LYS A 88 -21.48 11.42 -0.28
CA LYS A 88 -21.72 12.60 0.57
C LYS A 88 -20.74 13.73 0.31
N VAL A 89 -21.07 14.90 0.85
CA VAL A 89 -20.25 16.10 0.71
C VAL A 89 -19.09 16.10 1.70
N ALA A 90 -18.27 15.16 1.65
N ALA B 2 -24.28 27.64 -4.95
CA ALA B 2 -23.38 27.92 -3.79
C ALA B 2 -21.95 28.12 -4.26
N ASN B 3 -21.68 27.74 -5.50
CA ASN B 3 -20.35 27.87 -6.10
C ASN B 3 -19.33 26.93 -5.47
N ILE B 4 -19.10 25.82 -6.15
CA ILE B 4 -18.16 24.79 -5.71
C ILE B 4 -16.71 25.27 -5.67
N VAL B 5 -16.45 26.42 -6.30
CA VAL B 5 -15.10 26.97 -6.34
C VAL B 5 -14.64 27.45 -4.98
N ASN B 6 -15.59 27.76 -4.09
CA ASN B 6 -15.24 28.24 -2.76
C ASN B 6 -15.07 27.09 -1.79
N PHE B 7 -14.51 27.42 -0.62
CA PHE B 7 -14.27 26.45 0.44
C PHE B 7 -14.29 27.21 1.77
N THR B 8 -14.64 26.52 2.85
CA THR B 8 -14.71 27.14 4.16
C THR B 8 -13.31 27.30 4.76
N ASP B 9 -13.19 28.19 5.73
CA ASP B 9 -11.88 28.39 6.36
C ASP B 9 -11.54 27.12 7.15
N LYS B 10 -12.56 26.38 7.55
CA LYS B 10 -12.37 25.14 8.29
C LYS B 10 -11.74 24.11 7.35
N GLN B 11 -12.29 24.00 6.15
CA GLN B 11 -11.76 23.05 5.18
C GLN B 11 -10.29 23.41 4.90
N PHE B 12 -10.02 24.70 4.76
CA PHE B 12 -8.67 25.17 4.49
C PHE B 12 -7.77 24.84 5.68
N GLU B 13 -8.27 25.09 6.89
CA GLU B 13 -7.52 24.83 8.11
C GLU B 13 -7.13 23.37 8.29
N ASN B 14 -8.07 22.45 8.06
CA ASN B 14 -7.80 21.04 8.21
C ASN B 14 -6.75 20.58 7.20
N ARG B 15 -6.81 21.13 6.00
CA ARG B 15 -5.83 20.76 4.99
C ARG B 15 -4.49 21.38 5.35
N LEU B 16 -4.50 22.64 5.78
CA LEU B 16 -3.24 23.29 6.19
C LEU B 16 -2.59 22.45 7.28
N ASN B 17 -3.37 22.01 8.27
CA ASN B 17 -2.82 21.22 9.35
C ASN B 17 -2.16 19.93 8.88
N ASP B 18 -2.82 19.21 7.97
CA ASP B 18 -2.25 17.96 7.49
C ASP B 18 -0.98 18.26 6.70
N ASN B 19 -1.01 19.33 5.90
CA ASN B 19 0.15 19.72 5.10
C ASN B 19 1.36 20.00 5.99
N LEU B 20 1.16 20.76 7.05
CA LEU B 20 2.26 21.07 7.96
C LEU B 20 2.80 19.79 8.60
N GLU B 21 1.90 18.91 9.05
CA GLU B 21 2.30 17.66 9.67
C GLU B 21 3.15 16.84 8.70
N GLU B 22 2.71 16.80 7.45
CA GLU B 22 3.42 16.06 6.42
C GLU B 22 4.77 16.66 6.09
N LEU B 23 4.80 17.97 5.89
CA LEU B 23 6.03 18.66 5.53
C LEU B 23 7.14 18.72 6.57
N ILE B 24 6.80 18.87 7.85
CA ILE B 24 7.83 18.95 8.88
C ILE B 24 8.36 17.58 9.29
N GLN B 25 7.68 16.52 8.87
CA GLN B 25 8.08 15.17 9.21
C GLN B 25 9.55 14.89 8.87
N GLY B 26 10.34 14.56 9.89
CA GLY B 26 11.74 14.28 9.69
C GLY B 26 12.65 15.49 9.56
N LYS B 27 12.07 16.70 9.63
CA LYS B 27 12.85 17.92 9.52
C LYS B 27 12.87 18.63 10.86
N LYS B 28 13.76 19.61 11.01
CA LYS B 28 13.86 20.35 12.26
C LYS B 28 14.17 21.82 12.02
N ALA B 29 13.51 22.70 12.77
CA ALA B 29 13.75 24.14 12.63
C ALA B 29 15.13 24.42 13.22
N VAL B 30 15.84 25.42 12.68
CA VAL B 30 17.18 25.76 13.15
C VAL B 30 17.35 27.23 13.53
N GLU B 31 18.44 27.54 14.23
CA GLU B 31 18.71 28.90 14.68
C GLU B 31 18.90 29.92 13.55
N SER B 32 19.57 29.51 12.47
CA SER B 32 19.79 30.39 11.33
C SER B 32 19.40 29.67 10.05
N PRO B 33 18.09 29.68 9.72
CA PRO B 33 17.50 29.04 8.54
C PRO B 33 17.93 29.64 7.21
N THR B 34 17.85 28.83 6.16
CA THR B 34 18.18 29.26 4.81
C THR B 34 17.02 28.88 3.89
N ALA B 35 16.68 29.77 2.97
CA ALA B 35 15.61 29.50 2.03
C ALA B 35 16.19 29.54 0.62
N PHE B 36 15.81 28.55 -0.19
CA PHE B 36 16.29 28.45 -1.56
C PHE B 36 15.10 28.65 -2.50
N LEU B 37 15.12 29.75 -3.26
CA LEU B 37 14.06 30.02 -4.21
C LEU B 37 14.50 29.45 -5.55
N LEU B 38 13.71 28.55 -6.12
CA LEU B 38 14.09 27.95 -7.39
C LEU B 38 13.59 28.76 -8.57
N GLY B 39 14.22 28.55 -9.71
CA GLY B 39 13.85 29.22 -10.94
C GLY B 39 14.12 28.29 -12.10
N GLY B 40 13.42 28.51 -13.22
CA GLY B 40 13.61 27.67 -14.38
C GLY B 40 12.29 27.43 -15.08
N GLN B 41 12.29 27.45 -16.40
CA GLN B 41 11.06 27.25 -17.16
C GLN B 41 10.51 25.83 -16.97
N PRO B 42 9.22 25.64 -17.24
CA PRO B 42 8.63 24.30 -17.09
C PRO B 42 9.41 23.35 -18.01
N GLY B 43 9.67 22.13 -17.51
CA GLY B 43 10.40 21.17 -18.31
C GLY B 43 11.91 21.23 -18.15
N SER B 44 12.40 22.22 -17.40
CA SER B 44 13.84 22.37 -17.17
C SER B 44 14.41 21.41 -16.13
N GLY B 45 13.56 20.59 -15.51
CA GLY B 45 14.04 19.63 -14.53
C GLY B 45 14.54 20.21 -13.22
N LYS B 46 13.73 21.07 -12.61
CA LYS B 46 14.09 21.72 -11.36
C LYS B 46 14.24 20.77 -10.18
N THR B 47 13.72 19.56 -10.32
CA THR B 47 13.86 18.59 -9.24
C THR B 47 15.35 18.33 -9.00
N SER B 48 16.17 18.56 -10.01
CA SER B 48 17.62 18.36 -9.88
C SER B 48 18.15 19.36 -8.86
N LEU B 49 17.52 20.52 -8.78
CA LEU B 49 17.94 21.54 -7.83
C LEU B 49 17.61 21.08 -6.42
N ARG B 50 16.47 20.39 -6.28
CA ARG B 50 16.05 19.88 -4.98
C ARG B 50 17.11 18.92 -4.46
N SER B 51 17.61 18.09 -5.35
CA SER B 51 18.62 17.09 -5.01
C SER B 51 19.90 17.75 -4.45
N ALA B 52 20.36 18.78 -5.14
CA ALA B 52 21.57 19.49 -4.73
C ALA B 52 21.37 20.20 -3.38
N ILE B 53 20.19 20.76 -3.17
CA ILE B 53 19.91 21.45 -1.93
C ILE B 53 19.74 20.47 -0.78
N PHE B 54 19.17 19.30 -1.08
CA PHE B 54 18.98 18.27 -0.07
C PHE B 54 20.37 17.88 0.45
N GLU B 55 21.31 17.76 -0.49
CA GLU B 55 22.69 17.41 -0.15
C GLU B 55 23.35 18.52 0.68
N GLU B 56 23.15 19.77 0.24
CA GLU B 56 23.74 20.92 0.93
C GLU B 56 23.24 21.08 2.37
N THR B 57 21.97 20.75 2.60
CA THR B 57 21.37 20.88 3.93
C THR B 57 21.39 19.57 4.69
N GLN B 58 22.08 18.58 4.15
CA GLN B 58 22.16 17.26 4.77
C GLN B 58 20.76 16.72 5.04
N GLY B 59 19.85 16.95 4.11
CA GLY B 59 18.50 16.45 4.23
C GLY B 59 17.52 17.22 5.10
N ASN B 60 18.01 18.22 5.83
CA ASN B 60 17.12 18.99 6.69
C ASN B 60 16.54 20.19 5.96
N VAL B 61 15.65 19.91 5.00
CA VAL B 61 15.03 20.97 4.23
C VAL B 61 13.62 20.54 3.82
N ILE B 62 12.72 21.50 3.74
CA ILE B 62 11.34 21.26 3.37
C ILE B 62 11.06 21.89 2.02
N VAL B 63 10.52 21.09 1.10
CA VAL B 63 10.22 21.57 -0.24
C VAL B 63 8.75 21.99 -0.30
N ILE B 64 8.52 23.24 -0.70
CA ILE B 64 7.18 23.77 -0.81
C ILE B 64 6.87 23.93 -2.30
N ASP B 65 5.90 23.14 -2.76
CA ASP B 65 5.52 23.11 -4.18
C ASP B 65 4.03 23.35 -4.39
N ASN B 66 3.69 24.54 -4.89
CA ASN B 66 2.29 24.93 -5.12
C ASN B 66 1.45 23.85 -5.81
N ASP B 67 1.99 23.24 -6.86
CA ASP B 67 1.27 22.21 -7.60
C ASP B 67 0.74 21.04 -6.77
N THR B 68 1.43 20.72 -5.68
CA THR B 68 1.01 19.60 -4.85
C THR B 68 -0.27 19.88 -4.06
N PHE B 69 -0.80 21.10 -4.13
CA PHE B 69 -2.02 21.43 -3.39
C PHE B 69 -3.23 21.67 -4.28
N LYS B 70 -3.00 21.77 -5.58
CA LYS B 70 -4.10 22.03 -6.51
C LYS B 70 -5.23 21.03 -6.39
N GLN B 71 -4.92 19.74 -6.43
CA GLN B 71 -5.95 18.72 -6.35
C GLN B 71 -6.45 18.53 -4.93
N GLN B 72 -5.88 19.30 -4.00
CA GLN B 72 -6.27 19.23 -2.61
C GLN B 72 -7.52 20.08 -2.33
N HIS B 73 -7.95 20.84 -3.34
CA HIS B 73 -9.15 21.67 -3.18
C HIS B 73 -10.27 20.72 -2.75
N PRO B 74 -11.01 21.09 -1.70
CA PRO B 74 -12.12 20.26 -1.18
C PRO B 74 -13.08 19.73 -2.25
N ASN B 75 -13.32 20.54 -3.28
CA ASN B 75 -14.24 20.15 -4.33
C ASN B 75 -13.54 19.92 -5.67
N PHE B 76 -12.28 19.47 -5.61
CA PHE B 76 -11.52 19.23 -6.83
C PHE B 76 -12.24 18.32 -7.83
N ASP B 77 -12.79 17.20 -7.36
CA ASP B 77 -13.48 16.27 -8.24
C ASP B 77 -14.61 16.94 -9.03
N GLU B 78 -15.50 17.63 -8.33
CA GLU B 78 -16.62 18.32 -8.98
C GLU B 78 -16.10 19.36 -9.97
N LEU B 79 -15.09 20.12 -9.55
CA LEU B 79 -14.52 21.14 -10.42
C LEU B 79 -13.91 20.52 -11.67
N VAL B 80 -13.42 19.29 -11.54
CA VAL B 80 -12.82 18.60 -12.66
C VAL B 80 -13.87 18.21 -13.70
N LYS B 81 -15.02 17.76 -13.25
CA LYS B 81 -16.07 17.39 -14.18
C LYS B 81 -16.68 18.64 -14.79
N LEU B 82 -16.87 19.66 -13.96
CA LEU B 82 -17.46 20.91 -14.40
C LEU B 82 -16.59 21.69 -15.39
N TYR B 83 -15.32 21.90 -15.04
CA TYR B 83 -14.41 22.66 -15.88
C TYR B 83 -13.45 21.81 -16.69
N GLU B 84 -13.36 20.53 -16.34
CA GLU B 84 -12.49 19.61 -17.04
C GLU B 84 -11.07 20.11 -17.26
N LYS B 85 -10.62 20.09 -18.51
CA LYS B 85 -9.28 20.51 -18.88
C LYS B 85 -8.84 21.89 -18.39
N ASP B 86 -9.78 22.81 -18.22
CA ASP B 86 -9.44 24.16 -17.77
C ASP B 86 -9.69 24.33 -16.26
N VAL B 87 -9.55 23.23 -15.52
CA VAL B 87 -9.78 23.26 -14.09
C VAL B 87 -8.69 23.95 -13.26
N VAL B 88 -7.46 23.87 -13.73
CA VAL B 88 -6.34 24.47 -12.99
C VAL B 88 -6.54 25.90 -12.52
N LYS B 89 -6.99 26.78 -13.41
CA LYS B 89 -7.19 28.17 -13.02
C LYS B 89 -8.23 28.30 -11.91
N HIS B 90 -9.10 27.31 -11.78
CA HIS B 90 -10.13 27.37 -10.75
C HIS B 90 -9.67 26.89 -9.37
N VAL B 91 -8.58 26.12 -9.33
CA VAL B 91 -8.06 25.65 -8.03
C VAL B 91 -6.82 26.42 -7.61
N THR B 92 -6.31 27.26 -8.49
CA THR B 92 -5.13 28.05 -8.18
C THR B 92 -5.37 29.00 -7.00
N PRO B 93 -6.61 29.55 -6.86
CA PRO B 93 -6.84 30.45 -5.73
C PRO B 93 -6.55 29.68 -4.43
N TYR B 94 -7.06 28.45 -4.38
CA TYR B 94 -6.84 27.60 -3.21
C TYR B 94 -5.36 27.28 -3.04
N SER B 95 -4.73 26.78 -4.10
CA SER B 95 -3.33 26.40 -3.98
C SER B 95 -2.40 27.57 -3.67
N ASN B 96 -2.69 28.74 -4.24
CA ASN B 96 -1.86 29.91 -3.96
C ASN B 96 -2.01 30.28 -2.49
N ARG B 97 -3.25 30.28 -2.00
CA ARG B 97 -3.51 30.61 -0.61
C ARG B 97 -2.84 29.62 0.36
N MET B 98 -2.91 28.33 0.02
CA MET B 98 -2.30 27.29 0.86
C MET B 98 -0.79 27.39 0.83
N THR B 99 -0.23 27.66 -0.35
CA THR B 99 1.22 27.78 -0.48
C THR B 99 1.74 28.92 0.40
N GLU B 100 1.06 30.06 0.36
CA GLU B 100 1.50 31.18 1.18
C GLU B 100 1.31 30.93 2.67
N ALA B 101 0.27 30.20 3.03
CA ALA B 101 0.02 29.90 4.43
C ALA B 101 1.11 28.98 4.95
N ILE B 102 1.50 28.00 4.14
CA ILE B 102 2.55 27.06 4.51
C ILE B 102 3.90 27.78 4.65
N ILE B 103 4.22 28.61 3.67
CA ILE B 103 5.48 29.35 3.73
C ILE B 103 5.49 30.21 5.00
N SER B 104 4.36 30.87 5.28
CA SER B 104 4.26 31.73 6.46
C SER B 104 4.50 30.95 7.76
N ARG B 105 3.77 29.85 7.93
CA ARG B 105 3.88 29.03 9.13
C ARG B 105 5.24 28.40 9.30
N LEU B 106 5.79 27.84 8.22
CA LEU B 106 7.09 27.20 8.31
C LEU B 106 8.23 28.20 8.54
N SER B 107 8.12 29.39 7.93
CA SER B 107 9.16 30.40 8.13
C SER B 107 9.06 31.01 9.53
N ASP B 108 7.86 31.00 10.12
CA ASP B 108 7.69 31.51 11.48
C ASP B 108 8.55 30.66 12.41
N GLN B 109 8.56 29.36 12.15
CA GLN B 109 9.33 28.42 12.95
C GLN B 109 10.83 28.48 12.66
N GLY B 110 11.20 28.49 11.38
CA GLY B 110 12.61 28.55 11.04
C GLY B 110 13.18 27.31 10.40
N TYR B 111 12.37 26.60 9.61
CA TYR B 111 12.85 25.40 8.91
C TYR B 111 13.56 25.86 7.64
N ASN B 112 14.54 25.10 7.17
CA ASN B 112 15.21 25.44 5.92
C ASN B 112 14.17 25.16 4.86
N LEU B 113 14.06 26.02 3.84
CA LEU B 113 13.03 25.84 2.83
C LEU B 113 13.49 25.91 1.38
N VAL B 114 12.79 25.14 0.54
CA VAL B 114 13.01 25.15 -0.89
C VAL B 114 11.66 25.58 -1.44
N ILE B 115 11.62 26.71 -2.14
CA ILE B 115 10.36 27.17 -2.70
C ILE B 115 10.39 27.02 -4.22
N GLU B 116 9.59 26.07 -4.71
CA GLU B 116 9.47 25.80 -6.14
C GLU B 116 8.93 27.03 -6.87
N GLY B 117 9.54 27.34 -8.01
CA GLY B 117 9.11 28.49 -8.78
C GLY B 117 9.76 28.48 -10.15
N THR B 118 9.28 29.34 -11.04
CA THR B 118 9.81 29.40 -12.39
C THR B 118 10.73 30.61 -12.59
N GLY B 119 10.53 31.64 -11.77
CA GLY B 119 11.32 32.84 -11.92
C GLY B 119 10.71 33.69 -13.02
N ARG B 120 9.43 33.47 -13.31
CA ARG B 120 8.74 34.23 -14.34
C ARG B 120 8.83 35.73 -14.05
N THR B 121 8.78 36.07 -12.77
CA THR B 121 8.86 37.47 -12.34
C THR B 121 10.07 37.71 -11.45
N THR B 122 10.33 38.96 -11.14
CA THR B 122 11.41 39.34 -10.24
C THR B 122 10.74 39.70 -8.91
N ASP B 123 9.57 40.31 -9.00
CA ASP B 123 8.86 40.74 -7.79
C ASP B 123 8.42 39.65 -6.81
N VAL B 124 7.97 38.51 -7.31
CA VAL B 124 7.53 37.46 -6.39
C VAL B 124 8.71 37.01 -5.53
N PRO B 125 9.83 36.60 -6.15
CA PRO B 125 10.95 36.18 -5.31
C PRO B 125 11.52 37.30 -4.46
N ILE B 126 11.42 38.54 -4.92
CA ILE B 126 11.93 39.66 -4.13
C ILE B 126 11.07 39.80 -2.88
N GLN B 127 9.76 39.79 -3.04
CA GLN B 127 8.86 39.90 -1.91
C GLN B 127 9.03 38.72 -0.97
N THR B 128 9.16 37.53 -1.54
CA THR B 128 9.32 36.33 -0.74
C THR B 128 10.61 36.38 0.07
N ALA B 129 11.71 36.69 -0.60
CA ALA B 129 13.02 36.77 0.05
C ALA B 129 13.06 37.87 1.11
N THR B 130 12.42 38.99 0.81
CA THR B 130 12.39 40.11 1.74
C THR B 130 11.63 39.71 3.00
N MET B 131 10.51 39.05 2.82
CA MET B 131 9.70 38.59 3.94
C MET B 131 10.51 37.60 4.78
N LEU B 132 11.19 36.67 4.12
CA LEU B 132 11.98 35.65 4.82
C LEU B 132 13.14 36.27 5.61
N GLN B 133 13.86 37.20 4.98
CA GLN B 133 14.97 37.84 5.66
C GLN B 133 14.51 38.53 6.94
N ALA B 134 13.27 39.03 6.94
CA ALA B 134 12.72 39.70 8.11
C ALA B 134 12.45 38.69 9.22
N LYS B 135 12.54 37.40 8.88
CA LYS B 135 12.32 36.33 9.84
C LYS B 135 13.63 35.63 10.15
N GLY B 136 14.74 36.28 9.79
CA GLY B 136 16.05 35.73 10.06
C GLY B 136 16.63 34.74 9.06
N TYR B 137 16.08 34.70 7.85
CA TYR B 137 16.56 33.77 6.83
C TYR B 137 17.67 34.29 5.93
N GLU B 138 18.54 33.37 5.51
CA GLU B 138 19.54 33.69 4.52
C GLU B 138 18.73 33.25 3.31
N THR B 139 18.76 34.01 2.22
CA THR B 139 17.99 33.62 1.04
C THR B 139 18.87 33.46 -0.19
N LYS B 140 18.75 32.30 -0.83
CA LYS B 140 19.51 31.99 -2.03
C LYS B 140 18.57 31.72 -3.20
N MET B 141 19.13 31.67 -4.41
CA MET B 141 18.35 31.38 -5.61
C MET B 141 19.13 30.44 -6.54
N TYR B 142 18.60 29.24 -6.74
CA TYR B 142 19.23 28.25 -7.60
C TYR B 142 18.32 28.07 -8.80
N VAL B 143 18.89 28.16 -10.00
CA VAL B 143 18.12 28.09 -11.24
C VAL B 143 18.63 27.09 -12.26
N MET B 144 17.71 26.44 -12.97
CA MET B 144 18.10 25.49 -14.00
C MET B 144 18.44 26.27 -15.27
N ALA B 145 19.52 25.87 -15.94
CA ALA B 145 19.95 26.48 -17.19
C ALA B 145 19.88 25.35 -18.20
N VAL B 146 18.80 25.32 -18.97
CA VAL B 146 18.56 24.25 -19.93
C VAL B 146 18.10 24.75 -21.29
N PRO B 147 18.68 24.23 -22.39
CA PRO B 147 18.31 24.66 -23.74
C PRO B 147 16.78 24.65 -23.88
N LYS B 148 16.24 25.67 -24.53
CA LYS B 148 14.80 25.76 -24.69
C LYS B 148 14.19 24.56 -25.41
N ILE B 149 14.99 23.88 -26.24
CA ILE B 149 14.47 22.71 -26.93
C ILE B 149 14.32 21.54 -25.95
N ASN B 150 15.28 21.41 -25.04
CA ASN B 150 15.25 20.33 -24.06
C ASN B 150 14.11 20.51 -23.04
N SER B 151 13.86 21.75 -22.62
CA SER B 151 12.80 22.00 -21.66
C SER B 151 11.44 21.84 -22.33
N TYR B 152 11.34 22.26 -23.59
CA TYR B 152 10.09 22.12 -24.32
C TYR B 152 9.76 20.63 -24.47
N LEU B 153 10.75 19.85 -24.86
CA LEU B 153 10.59 18.41 -25.03
C LEU B 153 10.25 17.81 -23.67
N GLY B 154 10.81 18.42 -22.62
CA GLY B 154 10.55 17.95 -21.27
C GLY B 154 9.08 18.06 -20.92
N THR B 155 8.44 19.16 -21.34
CA THR B 155 7.02 19.36 -21.06
C THR B 155 6.15 18.34 -21.79
N ILE B 156 6.61 17.90 -22.95
CA ILE B 156 5.86 16.90 -23.71
C ILE B 156 6.05 15.54 -23.06
N GLU B 157 7.28 15.15 -22.81
CA GLU B 157 7.52 13.85 -22.20
C GLU B 157 6.77 13.77 -20.87
N ARG B 158 6.77 14.87 -20.12
CA ARG B 158 6.07 14.92 -18.84
C ARG B 158 4.58 14.67 -19.02
N TYR B 159 3.96 15.41 -19.93
CA TYR B 159 2.54 15.24 -20.18
C TYR B 159 2.17 13.82 -20.59
N GLU B 160 2.85 13.29 -21.60
CA GLU B 160 2.58 11.94 -22.09
C GLU B 160 2.83 10.86 -21.03
N THR B 161 3.83 11.07 -20.19
CA THR B 161 4.13 10.11 -19.13
C THR B 161 3.03 10.13 -18.08
N MET B 162 2.58 11.33 -17.72
CA MET B 162 1.51 11.47 -16.73
C MET B 162 0.23 10.89 -17.31
N TYR B 163 0.02 11.09 -18.61
CA TYR B 163 -1.17 10.59 -19.27
C TYR B 163 -1.23 9.06 -19.19
N ALA B 164 -0.08 8.43 -19.36
CA ALA B 164 0.01 6.97 -19.31
C ALA B 164 -0.39 6.45 -17.93
N ASP B 165 -0.03 7.19 -16.88
CA ASP B 165 -0.37 6.78 -15.53
C ASP B 165 -1.84 7.05 -15.24
N ASP B 166 -2.35 8.17 -15.72
CA ASP B 166 -3.75 8.51 -15.51
C ASP B 166 -4.18 9.58 -16.52
N PRO B 167 -5.00 9.19 -17.50
CA PRO B 167 -5.49 10.11 -18.53
C PRO B 167 -6.25 11.29 -17.94
N MET B 168 -6.88 11.04 -16.80
CA MET B 168 -7.68 12.05 -16.12
C MET B 168 -6.85 13.02 -15.28
N THR B 169 -5.63 12.65 -14.93
CA THR B 169 -4.77 13.50 -14.12
C THR B 169 -3.76 14.28 -14.95
N ALA B 170 -3.44 13.78 -16.13
CA ALA B 170 -2.47 14.43 -17.00
C ALA B 170 -2.98 15.73 -17.60
N ARG B 171 -2.11 16.74 -17.60
CA ARG B 171 -2.44 18.05 -18.16
C ARG B 171 -1.19 18.63 -18.84
N ALA B 172 -1.35 18.96 -20.11
CA ALA B 172 -0.26 19.51 -20.91
C ALA B 172 0.16 20.91 -20.45
N THR B 173 1.43 21.23 -20.67
CA THR B 173 1.95 22.54 -20.30
C THR B 173 1.76 23.47 -21.49
N PRO B 174 0.82 24.44 -21.39
CA PRO B 174 0.60 25.36 -22.50
C PRO B 174 1.96 25.92 -22.91
N LYS B 175 2.24 25.94 -24.21
CA LYS B 175 3.52 26.42 -24.69
C LYS B 175 3.87 27.81 -24.18
N GLN B 176 2.86 28.67 -24.03
CA GLN B 176 3.10 30.03 -23.53
C GLN B 176 3.66 29.99 -22.12
N ALA B 177 3.24 29.00 -21.34
CA ALA B 177 3.72 28.86 -19.97
C ALA B 177 5.22 28.62 -19.99
N HIS B 178 5.69 27.90 -21.01
CA HIS B 178 7.10 27.60 -21.15
C HIS B 178 7.88 28.74 -21.78
N ASP B 179 7.41 29.21 -22.93
CA ASP B 179 8.08 30.30 -23.65
C ASP B 179 8.21 31.62 -22.92
N ILE B 180 7.19 32.00 -22.14
CA ILE B 180 7.25 33.26 -21.42
C ILE B 180 8.40 33.27 -20.40
N VAL B 181 8.60 32.15 -19.73
CA VAL B 181 9.66 32.06 -18.73
C VAL B 181 11.02 32.12 -19.41
N VAL B 182 11.16 31.42 -20.52
CA VAL B 182 12.41 31.43 -21.26
C VAL B 182 12.77 32.87 -21.64
N LYS B 183 11.76 33.64 -22.03
CA LYS B 183 11.95 35.02 -22.43
C LYS B 183 12.31 35.98 -21.29
N ASN B 184 11.65 35.82 -20.15
CA ASN B 184 11.89 36.68 -18.99
C ASN B 184 13.12 36.41 -18.14
N LEU B 185 13.38 35.13 -17.90
CA LEU B 185 14.46 34.70 -17.00
C LEU B 185 15.84 35.36 -17.05
N PRO B 186 16.51 35.35 -18.21
CA PRO B 186 17.84 35.97 -18.26
C PRO B 186 17.90 37.38 -17.67
N THR B 187 17.04 38.27 -18.17
CA THR B 187 17.00 39.63 -17.68
C THR B 187 16.57 39.68 -16.21
N ASN B 188 15.56 38.87 -15.87
CA ASN B 188 15.07 38.83 -14.50
C ASN B 188 16.19 38.47 -13.53
N LEU B 189 17.03 37.51 -13.91
CA LEU B 189 18.12 37.11 -13.04
C LEU B 189 19.12 38.24 -12.82
N GLU B 190 19.35 39.07 -13.83
CA GLU B 190 20.28 40.18 -13.66
C GLU B 190 19.66 41.19 -12.70
N THR B 191 18.37 41.43 -12.86
CA THR B 191 17.65 42.37 -11.99
C THR B 191 17.74 41.86 -10.56
N LEU B 192 17.56 40.55 -10.37
CA LEU B 192 17.62 39.97 -9.04
C LEU B 192 19.05 40.07 -8.49
N HIS B 193 20.02 39.85 -9.37
CA HIS B 193 21.43 39.93 -8.99
C HIS B 193 21.73 41.32 -8.44
N LYS B 194 21.18 42.35 -9.09
CA LYS B 194 21.39 43.73 -8.68
C LYS B 194 20.86 44.07 -7.29
N THR B 195 19.80 43.41 -6.86
CA THR B 195 19.21 43.68 -5.55
C THR B 195 20.13 43.30 -4.40
N GLY B 196 21.01 42.32 -4.64
CA GLY B 196 21.91 41.89 -3.59
C GLY B 196 21.16 41.14 -2.48
N LEU B 197 19.89 40.85 -2.73
CA LEU B 197 19.08 40.12 -1.74
C LEU B 197 19.53 38.68 -1.55
N PHE B 198 20.00 38.06 -2.62
CA PHE B 198 20.43 36.68 -2.57
C PHE B 198 21.93 36.52 -2.35
N SER B 199 22.28 35.82 -1.28
CA SER B 199 23.69 35.60 -0.94
C SER B 199 24.38 34.87 -2.08
N ASP B 200 23.62 34.06 -2.80
CA ASP B 200 24.18 33.31 -3.92
C ASP B 200 23.10 32.97 -4.94
N ILE B 201 23.39 33.24 -6.21
CA ILE B 201 22.49 32.93 -7.30
C ILE B 201 23.27 31.94 -8.15
N ARG B 202 22.74 30.73 -8.29
CA ARG B 202 23.43 29.70 -9.08
C ARG B 202 22.64 29.21 -10.28
N LEU B 203 23.37 28.72 -11.27
CA LEU B 203 22.78 28.14 -12.47
C LEU B 203 23.33 26.73 -12.52
N TYR B 204 22.45 25.76 -12.76
CA TYR B 204 22.82 24.35 -12.83
C TYR B 204 22.32 23.78 -14.14
N ASN B 205 23.09 22.87 -14.73
CA ASN B 205 22.62 22.25 -15.97
C ASN B 205 21.86 20.98 -15.58
N ARG B 206 21.31 20.33 -16.60
CA ARG B 206 20.53 19.12 -16.41
C ARG B 206 21.27 18.00 -15.68
N GLU B 207 22.60 18.03 -15.72
CA GLU B 207 23.41 17.01 -15.06
C GLU B 207 23.77 17.35 -13.61
N GLY B 208 23.40 18.55 -13.16
CA GLY B 208 23.72 18.94 -11.80
C GLY B 208 25.00 19.73 -11.68
N VAL B 209 25.61 20.04 -12.82
CA VAL B 209 26.84 20.81 -12.84
C VAL B 209 26.54 22.29 -12.56
N LYS B 210 27.23 22.86 -11.58
CA LYS B 210 27.06 24.27 -11.26
C LYS B 210 27.77 25.07 -12.34
N LEU B 211 27.00 25.82 -13.14
CA LEU B 211 27.58 26.60 -14.23
C LEU B 211 27.95 28.03 -13.84
N TYR B 212 27.29 28.55 -12.82
CA TYR B 212 27.54 29.92 -12.38
C TYR B 212 27.15 30.09 -10.92
N SER B 213 27.82 31.02 -10.26
CA SER B 213 27.57 31.35 -8.86
C SER B 213 27.93 32.80 -8.62
N SER B 214 26.93 33.62 -8.33
CA SER B 214 27.16 35.05 -8.08
C SER B 214 28.09 35.23 -6.89
N LEU B 215 28.01 34.29 -5.95
CA LEU B 215 28.86 34.36 -4.77
C LEU B 215 30.33 34.25 -5.17
N GLU B 216 30.63 33.36 -6.10
CA GLU B 216 32.00 33.14 -6.54
C GLU B 216 32.49 34.22 -7.50
N THR B 217 31.60 34.73 -8.34
CA THR B 217 31.94 35.78 -9.30
C THR B 217 30.88 36.87 -9.23
N PRO B 218 30.91 37.68 -8.16
CA PRO B 218 29.97 38.78 -7.94
C PRO B 218 29.91 39.86 -9.02
N SER B 219 30.96 39.96 -9.83
CA SER B 219 31.01 40.98 -10.88
C SER B 219 30.52 40.42 -12.22
N ILE B 220 30.12 39.15 -12.22
CA ILE B 220 29.63 38.54 -13.45
C ILE B 220 28.12 38.38 -13.36
N SER B 221 27.42 38.84 -14.39
CA SER B 221 25.97 38.75 -14.43
C SER B 221 25.53 37.33 -14.78
N PRO B 222 24.37 36.90 -14.25
CA PRO B 222 23.86 35.55 -14.53
C PRO B 222 23.24 35.49 -15.93
N LYS B 223 22.84 36.66 -16.43
CA LYS B 223 22.18 36.76 -17.73
C LYS B 223 22.82 36.04 -18.91
N GLU B 224 24.02 36.47 -19.30
CA GLU B 224 24.70 35.87 -20.44
C GLU B 224 24.88 34.36 -20.34
N THR B 225 25.28 33.87 -19.17
CA THR B 225 25.50 32.44 -18.99
C THR B 225 24.20 31.66 -19.22
N LEU B 226 23.09 32.18 -18.73
CA LEU B 226 21.81 31.51 -18.90
C LEU B 226 21.33 31.56 -20.36
N GLU B 227 21.46 32.72 -20.98
CA GLU B 227 21.05 32.89 -22.38
C GLU B 227 21.81 31.95 -23.30
N LYS B 228 23.10 31.76 -23.01
CA LYS B 228 23.95 30.90 -23.82
C LYS B 228 23.47 29.45 -23.80
N GLU B 229 23.03 28.99 -22.63
CA GLU B 229 22.54 27.62 -22.48
C GLU B 229 21.13 27.50 -23.06
N LEU B 230 20.30 28.51 -22.83
CA LEU B 230 18.94 28.49 -23.36
C LEU B 230 18.94 28.40 -24.88
N ASN B 231 19.87 29.11 -25.50
CA ASN B 231 19.96 29.15 -26.96
C ASN B 231 20.94 28.15 -27.57
N ARG B 232 21.62 27.40 -26.72
CA ARG B 232 22.58 26.41 -27.19
C ARG B 232 21.92 25.45 -28.19
N LYS B 233 22.62 25.16 -29.28
CA LYS B 233 22.09 24.25 -30.29
C LYS B 233 22.36 22.82 -29.86
N VAL B 234 21.30 22.05 -29.70
CA VAL B 234 21.44 20.65 -29.29
C VAL B 234 21.65 19.78 -30.52
N SER B 235 22.55 18.81 -30.40
CA SER B 235 22.86 17.91 -31.50
C SER B 235 21.77 16.87 -31.74
N GLY B 236 21.95 16.06 -32.79
CA GLY B 236 21.00 15.02 -33.11
C GLY B 236 20.93 14.11 -31.91
N LYS B 237 22.09 13.74 -31.38
CA LYS B 237 22.14 12.91 -30.20
C LYS B 237 21.69 13.83 -29.07
N GLU B 238 21.82 13.37 -27.83
CA GLU B 238 21.41 14.16 -26.69
C GLU B 238 19.89 14.19 -26.59
N ILE B 239 19.22 14.60 -27.66
CA ILE B 239 17.76 14.64 -27.66
C ILE B 239 17.15 13.34 -28.17
N GLN B 240 17.93 12.59 -28.94
CA GLN B 240 17.45 11.32 -29.50
C GLN B 240 16.83 10.41 -28.44
N PRO B 241 17.53 10.18 -27.32
CA PRO B 241 16.97 9.31 -26.29
C PRO B 241 15.63 9.85 -25.77
N THR B 242 15.54 11.17 -25.64
CA THR B 242 14.30 11.79 -25.17
C THR B 242 13.21 11.62 -26.21
N LEU B 243 13.55 11.80 -27.48
CA LEU B 243 12.58 11.64 -28.56
C LEU B 243 12.05 10.21 -28.58
N GLU B 244 12.95 9.25 -28.33
CA GLU B 244 12.55 7.85 -28.33
C GLU B 244 11.61 7.57 -27.16
N ARG B 245 11.92 8.12 -25.99
CA ARG B 245 11.07 7.92 -24.82
C ARG B 245 9.69 8.52 -25.08
N ILE B 246 9.67 9.69 -25.71
CA ILE B 246 8.41 10.35 -26.02
C ILE B 246 7.61 9.51 -27.02
N GLU B 247 8.28 8.99 -28.04
CA GLU B 247 7.59 8.17 -29.03
C GLU B 247 6.96 6.95 -28.36
N GLN B 248 7.73 6.27 -27.52
CA GLN B 248 7.21 5.07 -26.83
C GLN B 248 5.93 5.40 -26.06
N LYS B 249 5.95 6.50 -25.33
CA LYS B 249 4.77 6.90 -24.57
C LYS B 249 3.60 7.31 -25.46
N MET B 250 3.88 8.06 -26.53
CA MET B 250 2.80 8.49 -27.41
C MET B 250 2.17 7.34 -28.19
N VAL B 251 2.95 6.29 -28.44
CA VAL B 251 2.42 5.12 -29.14
C VAL B 251 1.49 4.44 -28.13
N LEU B 252 1.98 4.27 -26.91
CA LEU B 252 1.20 3.66 -25.85
C LEU B 252 -0.11 4.43 -25.64
N ASN B 253 -0.01 5.75 -25.63
CA ASN B 253 -1.18 6.60 -25.41
C ASN B 253 -2.04 6.78 -26.65
N LYS B 254 -1.66 6.14 -27.75
CA LYS B 254 -2.41 6.26 -29.00
C LYS B 254 -2.54 7.73 -29.42
N HIS B 255 -1.44 8.47 -29.31
CA HIS B 255 -1.41 9.88 -29.68
C HIS B 255 -0.59 10.12 -30.95
N GLN B 256 -0.54 9.13 -31.83
CA GLN B 256 0.24 9.25 -33.05
C GLN B 256 -0.29 10.32 -33.99
N GLU B 257 -1.61 10.52 -34.00
CA GLU B 257 -2.23 11.51 -34.87
C GLU B 257 -2.18 12.91 -34.29
N THR B 258 -0.96 13.42 -34.14
CA THR B 258 -0.75 14.77 -33.59
C THR B 258 0.48 15.35 -34.28
N PRO B 259 0.59 16.68 -34.30
CA PRO B 259 1.75 17.31 -34.93
C PRO B 259 3.03 16.94 -34.18
N GLU B 260 2.94 16.93 -32.85
CA GLU B 260 4.08 16.59 -32.02
C GLU B 260 4.67 15.25 -32.45
N PHE B 261 3.82 14.22 -32.47
CA PHE B 261 4.26 12.89 -32.84
C PHE B 261 4.89 12.86 -34.22
N LYS B 262 4.19 13.44 -35.20
CA LYS B 262 4.69 13.46 -36.57
C LYS B 262 6.06 14.14 -36.61
N ALA B 263 6.26 15.13 -35.76
CA ALA B 263 7.53 15.83 -35.71
C ALA B 263 8.60 14.94 -35.09
N ILE B 264 8.22 14.22 -34.04
CA ILE B 264 9.16 13.33 -33.36
C ILE B 264 9.67 12.23 -34.28
N GLN B 265 8.77 11.58 -34.99
CA GLN B 265 9.17 10.51 -35.90
C GLN B 265 10.01 11.04 -37.05
N GLN B 266 9.66 12.22 -37.56
CA GLN B 266 10.42 12.81 -38.67
C GLN B 266 11.86 13.04 -38.22
N LYS B 267 12.01 13.63 -37.04
CA LYS B 267 13.33 13.90 -36.50
C LYS B 267 14.11 12.60 -36.28
N LEU B 268 13.48 11.63 -35.63
CA LEU B 268 14.13 10.35 -35.36
C LEU B 268 14.60 9.66 -36.62
N GLU B 269 13.80 9.76 -37.69
CA GLU B 269 14.14 9.12 -38.96
C GLU B 269 15.40 9.73 -39.58
N SER B 270 15.53 11.04 -39.47
CA SER B 270 16.69 11.75 -40.01
C SER B 270 17.96 11.45 -39.21
N LEU B 271 17.79 10.91 -38.01
CA LEU B 271 18.93 10.59 -37.15
C LEU B 271 19.41 9.15 -37.29
N GLN B 272 18.79 8.40 -38.20
CA GLN B 272 19.17 7.01 -38.42
C GLN B 272 20.40 6.87 -39.31
N PRO B 273 21.25 5.87 -39.03
CA PRO B 273 22.48 5.59 -39.78
C PRO B 273 22.23 5.42 -41.28
N PRO B 274 21.38 4.59 -41.64
N ALA C 2 -23.28 -13.58 14.82
CA ALA C 2 -23.87 -12.43 14.08
C ALA C 2 -23.01 -12.08 12.87
N VAL C 3 -22.75 -13.07 12.02
CA VAL C 3 -21.93 -12.88 10.82
C VAL C 3 -22.56 -13.60 9.63
N THR C 4 -22.07 -13.30 8.42
CA THR C 4 -22.57 -13.95 7.22
C THR C 4 -21.49 -14.84 6.63
N TYR C 5 -21.90 -15.86 5.90
CA TYR C 5 -20.94 -16.77 5.29
C TYR C 5 -20.12 -16.03 4.25
N GLU C 6 -20.79 -15.19 3.46
CA GLU C 6 -20.09 -14.44 2.43
C GLU C 6 -18.95 -13.60 2.99
N LYS C 7 -19.18 -12.92 4.11
CA LYS C 7 -18.14 -12.10 4.69
C LYS C 7 -17.06 -12.93 5.40
N THR C 8 -17.47 -13.98 6.12
CA THR C 8 -16.48 -14.80 6.80
C THR C 8 -15.62 -15.56 5.77
N PHE C 9 -16.17 -15.81 4.60
CA PHE C 9 -15.42 -16.48 3.54
C PHE C 9 -14.37 -15.49 3.01
N GLU C 10 -14.79 -14.23 2.84
CA GLU C 10 -13.88 -13.19 2.36
C GLU C 10 -12.73 -13.04 3.34
N ILE C 11 -13.06 -13.10 4.62
CA ILE C 11 -12.05 -12.95 5.67
C ILE C 11 -11.05 -14.09 5.66
N GLU C 12 -11.52 -15.31 5.41
CA GLU C 12 -10.65 -16.48 5.38
C GLU C 12 -9.64 -16.32 4.24
N ILE C 13 -10.14 -15.92 3.08
CA ILE C 13 -9.27 -15.71 1.91
C ILE C 13 -8.27 -14.60 2.18
N ILE C 14 -8.75 -13.50 2.78
CA ILE C 14 -7.86 -12.39 3.10
C ILE C 14 -6.75 -12.84 4.04
N ASN C 15 -7.11 -13.61 5.06
CA ASN C 15 -6.13 -14.09 6.03
C ASN C 15 -5.05 -14.95 5.38
N GLU C 16 -5.42 -15.78 4.40
CA GLU C 16 -4.43 -16.63 3.73
C GLU C 16 -3.56 -15.78 2.78
N LEU C 17 -4.20 -14.92 2.00
CA LEU C 17 -3.46 -14.09 1.05
C LEU C 17 -2.51 -13.12 1.72
N SER C 18 -2.98 -12.44 2.77
CA SER C 18 -2.14 -11.47 3.47
C SER C 18 -0.92 -12.13 4.10
N ALA C 19 -1.10 -13.35 4.59
CA ALA C 19 0.01 -14.08 5.20
C ALA C 19 1.11 -14.29 4.15
N SER C 20 0.70 -14.75 2.97
CA SER C 20 1.62 -15.00 1.88
C SER C 20 2.40 -13.76 1.49
N VAL C 21 1.69 -12.64 1.34
CA VAL C 21 2.30 -11.38 0.95
C VAL C 21 3.24 -10.86 2.05
N TYR C 22 2.75 -10.84 3.27
CA TYR C 22 3.55 -10.38 4.40
C TYR C 22 4.81 -11.22 4.58
N ASN C 23 4.65 -12.54 4.55
CA ASN C 23 5.80 -13.43 4.72
C ASN C 23 6.88 -13.19 3.66
N ARG C 24 6.44 -12.98 2.41
CA ARG C 24 7.38 -12.72 1.31
C ARG C 24 8.25 -11.50 1.60
N VAL C 25 7.62 -10.44 2.11
CA VAL C 25 8.36 -9.22 2.40
C VAL C 25 9.22 -9.40 3.66
N LEU C 26 8.64 -9.99 4.70
CA LEU C 26 9.40 -10.23 5.94
C LEU C 26 10.63 -11.07 5.63
N ASN C 27 10.45 -12.15 4.88
CA ASN C 27 11.56 -13.04 4.53
C ASN C 27 12.72 -12.29 3.87
N TYR C 28 12.38 -11.43 2.91
CA TYR C 28 13.40 -10.66 2.21
C TYR C 28 14.14 -9.72 3.15
N VAL C 29 13.38 -9.01 3.98
CA VAL C 29 13.98 -8.07 4.92
C VAL C 29 14.94 -8.79 5.87
N LEU C 30 14.51 -9.94 6.38
CA LEU C 30 15.33 -10.71 7.30
C LEU C 30 16.52 -11.35 6.61
N ASN C 31 16.51 -11.96 5.31
CA ASN C 31 17.66 -12.70 4.54
C ASN C 31 18.75 -11.90 3.81
N HIS C 32 18.45 -10.66 4.01
CA HIS C 32 19.08 -9.49 3.55
C HIS C 32 19.53 -8.61 4.68
N GLU C 33 19.33 -9.01 5.93
CA GLU C 33 19.80 -8.24 7.11
C GLU C 33 19.49 -6.74 7.13
N LEU C 34 18.32 -6.36 6.63
CA LEU C 34 17.95 -4.95 6.60
C LEU C 34 17.54 -4.48 7.99
N ASN C 35 17.88 -3.24 8.31
CA ASN C 35 17.52 -2.68 9.60
C ASN C 35 16.01 -2.47 9.62
N LYS C 36 15.30 -3.30 10.39
CA LYS C 36 13.85 -3.19 10.47
C LYS C 36 13.41 -1.82 10.99
N ASN C 37 14.35 -1.07 11.55
CA ASN C 37 14.06 0.26 12.10
C ASN C 37 14.44 1.37 11.12
N ASP C 38 14.67 1.02 9.86
CA ASP C 38 15.04 2.03 8.88
C ASP C 38 13.99 2.13 7.78
N SER C 39 12.97 2.94 8.02
CA SER C 39 11.89 3.14 7.06
C SER C 39 12.28 3.80 5.75
N GLN C 40 13.56 4.16 5.60
CA GLN C 40 14.04 4.78 4.36
C GLN C 40 14.25 3.69 3.31
N LEU C 41 14.56 2.48 3.77
CA LEU C 41 14.79 1.36 2.88
C LEU C 41 13.46 0.94 2.25
N LEU C 42 13.44 0.80 0.93
CA LEU C 42 12.24 0.44 0.20
C LEU C 42 11.49 -0.76 0.77
N GLU C 43 12.20 -1.86 1.03
CA GLU C 43 11.57 -3.07 1.53
C GLU C 43 11.06 -2.98 2.97
N VAL C 44 11.76 -2.22 3.80
CA VAL C 44 11.36 -2.06 5.19
C VAL C 44 10.14 -1.15 5.25
N ASN C 45 10.14 -0.10 4.44
CA ASN C 45 9.02 0.83 4.39
C ASN C 45 7.78 0.03 3.97
N LEU C 46 7.95 -0.85 2.98
CA LEU C 46 6.84 -1.69 2.53
C LEU C 46 6.39 -2.60 3.66
N LEU C 47 7.34 -3.22 4.35
CA LEU C 47 7.03 -4.11 5.46
C LEU C 47 6.19 -3.38 6.50
N ASN C 48 6.57 -2.15 6.83
CA ASN C 48 5.86 -1.35 7.82
C ASN C 48 4.45 -1.00 7.37
N GLN C 49 4.27 -0.78 6.08
CA GLN C 49 2.93 -0.49 5.57
C GLN C 49 2.03 -1.72 5.72
N LEU C 50 2.59 -2.89 5.44
CA LEU C 50 1.85 -4.15 5.55
C LEU C 50 1.50 -4.43 7.02
N LYS C 51 2.40 -4.05 7.92
CA LYS C 51 2.15 -4.24 9.34
C LYS C 51 0.93 -3.42 9.73
N LEU C 52 0.89 -2.19 9.24
CA LEU C 52 -0.22 -1.28 9.53
C LEU C 52 -1.52 -1.85 8.94
N ALA C 53 -1.43 -2.40 7.73
CA ALA C 53 -2.61 -2.96 7.08
C ALA C 53 -3.17 -4.17 7.84
N LYS C 54 -2.28 -4.99 8.37
CA LYS C 54 -2.67 -6.20 9.10
C LYS C 54 -3.24 -5.98 10.50
N ARG C 55 -2.88 -4.88 11.14
CA ARG C 55 -3.35 -4.61 12.50
C ARG C 55 -4.86 -4.43 12.68
N VAL C 56 -5.60 -4.35 11.58
CA VAL C 56 -7.05 -4.14 11.66
C VAL C 56 -7.88 -5.34 12.11
N ASN C 57 -9.14 -5.08 12.44
CA ASN C 57 -10.05 -6.15 12.85
C ASN C 57 -11.05 -6.33 11.72
N LEU C 58 -10.85 -7.38 10.92
CA LEU C 58 -11.72 -7.64 9.78
C LEU C 58 -13.17 -7.93 10.15
N PHE C 59 -13.43 -8.26 11.41
CA PHE C 59 -14.81 -8.55 11.81
C PHE C 59 -15.63 -7.28 11.95
N ASP C 60 -14.96 -6.13 11.84
CA ASP C 60 -15.65 -4.85 11.96
C ASP C 60 -15.70 -4.12 10.61
N TYR C 61 -15.75 -4.89 9.52
CA TYR C 61 -15.83 -4.30 8.19
C TYR C 61 -17.06 -4.78 7.45
N SER C 62 -17.61 -3.92 6.59
CA SER C 62 -18.77 -4.28 5.80
C SER C 62 -18.28 -5.16 4.67
N LEU C 63 -19.22 -5.75 3.94
CA LEU C 63 -18.89 -6.60 2.82
C LEU C 63 -18.04 -5.83 1.79
N GLU C 64 -18.48 -4.62 1.46
CA GLU C 64 -17.76 -3.79 0.50
C GLU C 64 -16.32 -3.54 0.97
N GLU C 65 -16.18 -3.18 2.25
CA GLU C 65 -14.85 -2.91 2.79
C GLU C 65 -13.99 -4.17 2.74
N LEU C 66 -14.58 -5.34 3.00
CA LEU C 66 -13.82 -6.58 2.96
C LEU C 66 -13.35 -6.86 1.54
N GLN C 67 -14.21 -6.61 0.56
CA GLN C 67 -13.83 -6.82 -0.82
C GLN C 67 -12.68 -5.86 -1.17
N ALA C 68 -12.70 -4.67 -0.58
CA ALA C 68 -11.64 -3.70 -0.81
C ALA C 68 -10.33 -4.20 -0.22
N VAL C 69 -10.38 -4.69 1.03
CA VAL C 69 -9.19 -5.21 1.69
C VAL C 69 -8.62 -6.36 0.88
N HIS C 70 -9.51 -7.19 0.34
CA HIS C 70 -9.08 -8.32 -0.47
C HIS C 70 -8.31 -7.80 -1.69
N GLU C 71 -8.80 -6.73 -2.32
CA GLU C 71 -8.11 -6.18 -3.47
C GLU C 71 -6.78 -5.54 -3.03
N TYR C 72 -6.78 -4.96 -1.83
CA TYR C 72 -5.55 -4.35 -1.32
C TYR C 72 -4.45 -5.41 -1.30
N TRP C 73 -4.78 -6.60 -0.79
CA TRP C 73 -3.78 -7.65 -0.72
C TRP C 73 -3.45 -8.24 -2.08
N ARG C 74 -4.38 -8.20 -3.02
CA ARG C 74 -4.09 -8.70 -4.36
C ARG C 74 -3.06 -7.74 -4.95
N SER C 75 -3.29 -6.44 -4.74
CA SER C 75 -2.39 -5.42 -5.27
C SER C 75 -1.01 -5.50 -4.63
N MET C 76 -0.95 -5.76 -3.33
CA MET C 76 0.34 -5.88 -2.67
C MET C 76 1.02 -7.18 -3.06
N ASN C 77 0.24 -8.21 -3.38
CA ASN C 77 0.82 -9.48 -3.79
C ASN C 77 1.59 -9.19 -5.08
N ARG C 78 0.94 -8.49 -6.00
CA ARG C 78 1.55 -8.13 -7.28
C ARG C 78 2.74 -7.20 -7.09
N TYR C 79 2.56 -6.15 -6.29
CA TYR C 79 3.62 -5.17 -6.06
C TYR C 79 4.86 -5.76 -5.38
N SER C 80 4.65 -6.51 -4.31
CA SER C 80 5.78 -7.09 -3.58
C SER C 80 6.64 -7.95 -4.50
N LYS C 81 6.02 -8.67 -5.42
CA LYS C 81 6.75 -9.52 -6.36
C LYS C 81 7.66 -8.69 -7.27
N GLN C 82 7.18 -7.52 -7.68
CA GLN C 82 7.96 -6.65 -8.55
C GLN C 82 9.09 -5.97 -7.77
N VAL C 83 8.79 -5.52 -6.57
CA VAL C 83 9.79 -4.85 -5.75
C VAL C 83 10.91 -5.78 -5.30
N LEU C 84 10.57 -6.99 -4.91
CA LEU C 84 11.56 -7.94 -4.43
C LEU C 84 12.33 -8.61 -5.57
N ASN C 85 11.62 -8.95 -6.63
CA ASN C 85 12.25 -9.58 -7.78
C ASN C 85 12.57 -8.49 -8.80
N LYS C 86 13.64 -7.74 -8.53
CA LYS C 86 14.08 -6.65 -9.40
C LYS C 86 13.90 -6.98 -10.87
N GLU C 87 14.50 -7.97 -11.34
N ALA D 2 17.85 -32.59 4.52
CA ALA D 2 18.58 -31.54 5.29
C ALA D 2 18.99 -30.40 4.36
N ASN D 3 20.08 -29.73 4.71
CA ASN D 3 20.60 -28.60 3.93
C ASN D 3 19.66 -27.39 3.85
N ILE D 4 19.23 -27.02 2.64
CA ILE D 4 18.37 -25.85 2.50
C ILE D 4 17.00 -25.98 3.15
N VAL D 5 16.52 -27.21 3.34
CA VAL D 5 15.23 -27.38 3.98
C VAL D 5 15.42 -27.04 5.46
N ASN D 6 16.68 -26.97 5.88
CA ASN D 6 17.02 -26.65 7.26
C ASN D 6 17.25 -25.15 7.42
N PHE D 7 17.29 -24.69 8.67
CA PHE D 7 17.50 -23.28 8.96
C PHE D 7 18.18 -23.12 10.33
N THR D 8 18.85 -22.00 10.53
CA THR D 8 19.56 -21.74 11.78
C THR D 8 18.60 -21.30 12.86
N ASP D 9 19.04 -21.40 14.11
CA ASP D 9 18.22 -20.98 15.24
C ASP D 9 18.02 -19.46 15.17
N LYS D 10 19.00 -18.76 14.61
CA LYS D 10 18.93 -17.31 14.48
C LYS D 10 17.84 -16.92 13.48
N GLN D 11 17.74 -17.65 12.38
CA GLN D 11 16.72 -17.36 11.39
C GLN D 11 15.36 -17.65 12.01
N PHE D 12 15.27 -18.74 12.77
CA PHE D 12 14.03 -19.11 13.43
C PHE D 12 13.64 -18.03 14.42
N GLU D 13 14.62 -17.60 15.22
CA GLU D 13 14.41 -16.60 16.25
C GLU D 13 13.90 -15.27 15.68
N ASN D 14 14.54 -14.78 14.62
CA ASN D 14 14.14 -13.52 14.02
C ASN D 14 12.69 -13.57 13.57
N ARG D 15 12.28 -14.72 13.03
CA ARG D 15 10.91 -14.88 12.58
C ARG D 15 9.96 -15.01 13.76
N LEU D 16 10.36 -15.77 14.77
CA LEU D 16 9.52 -15.93 15.97
C LEU D 16 9.25 -14.58 16.61
N ASN D 17 10.28 -13.74 16.70
CA ASN D 17 10.14 -12.43 17.31
C ASN D 17 9.18 -11.53 16.53
N ASP D 18 9.25 -11.56 15.21
CA ASP D 18 8.35 -10.74 14.41
C ASP D 18 6.92 -11.27 14.56
N ASN D 19 6.77 -12.59 14.51
CA ASN D 19 5.46 -13.24 14.67
C ASN D 19 4.82 -12.79 15.98
N LEU D 20 5.60 -12.85 17.07
CA LEU D 20 5.12 -12.47 18.38
C LEU D 20 4.73 -11.00 18.42
N GLU D 21 5.59 -10.16 17.85
CA GLU D 21 5.33 -8.73 17.80
C GLU D 21 3.98 -8.49 17.11
N GLU D 22 3.77 -9.14 15.98
CA GLU D 22 2.53 -8.97 15.23
C GLU D 22 1.30 -9.45 15.98
N LEU D 23 1.39 -10.65 16.56
CA LEU D 23 0.28 -11.25 17.27
C LEU D 23 -0.19 -10.56 18.55
N ILE D 24 0.73 -10.00 19.32
CA ILE D 24 0.34 -9.35 20.58
C ILE D 24 -0.19 -7.92 20.41
N GLN D 25 -0.04 -7.36 19.22
CA GLN D 25 -0.51 -6.00 18.96
C GLN D 25 -1.95 -5.79 19.41
N GLY D 26 -2.13 -4.87 20.36
CA GLY D 26 -3.46 -4.57 20.88
C GLY D 26 -4.04 -5.62 21.81
N LYS D 27 -3.21 -6.57 22.21
CA LYS D 27 -3.62 -7.66 23.10
C LYS D 27 -2.96 -7.51 24.46
N LYS D 28 -3.57 -8.11 25.49
CA LYS D 28 -3.04 -8.03 26.85
C LYS D 28 -3.23 -9.35 27.60
N ALA D 29 -2.18 -9.79 28.29
CA ALA D 29 -2.26 -11.02 29.07
C ALA D 29 -3.24 -10.79 30.22
N VAL D 30 -3.86 -11.86 30.70
CA VAL D 30 -4.82 -11.75 31.79
C VAL D 30 -4.56 -12.80 32.87
N GLU D 31 -5.17 -12.61 34.03
CA GLU D 31 -5.01 -13.52 35.16
C GLU D 31 -5.47 -14.94 34.90
N SER D 32 -6.72 -15.07 34.44
CA SER D 32 -7.29 -16.37 34.15
C SER D 32 -7.52 -16.47 32.65
N PRO D 33 -6.46 -16.82 31.89
CA PRO D 33 -6.53 -16.95 30.44
C PRO D 33 -7.43 -18.08 29.96
N THR D 34 -7.95 -17.93 28.76
CA THR D 34 -8.81 -18.96 28.19
C THR D 34 -8.28 -19.30 26.80
N ALA D 35 -8.27 -20.59 26.48
CA ALA D 35 -7.82 -21.05 25.17
C ALA D 35 -8.99 -21.71 24.49
N PHE D 36 -9.24 -21.30 23.24
CA PHE D 36 -10.33 -21.86 22.47
C PHE D 36 -9.76 -22.70 21.33
N LEU D 37 -9.90 -24.03 21.42
CA LEU D 37 -9.41 -24.90 20.36
C LEU D 37 -10.53 -25.03 19.35
N LEU D 38 -10.23 -24.82 18.07
CA LEU D 38 -11.25 -24.91 17.04
C LEU D 38 -11.34 -26.30 16.44
N GLY D 39 -12.45 -26.56 15.76
CA GLY D 39 -12.66 -27.85 15.13
C GLY D 39 -13.64 -27.68 13.98
N GLY D 40 -13.65 -28.64 13.06
CA GLY D 40 -14.55 -28.58 11.92
C GLY D 40 -13.80 -28.97 10.66
N GLN D 41 -14.45 -29.72 9.78
CA GLN D 41 -13.79 -30.16 8.55
C GLN D 41 -13.39 -28.98 7.67
N PRO D 42 -12.39 -29.19 6.79
CA PRO D 42 -11.95 -28.11 5.91
C PRO D 42 -13.17 -27.65 5.12
N GLY D 43 -13.30 -26.35 4.90
CA GLY D 43 -14.44 -25.85 4.17
C GLY D 43 -15.65 -25.49 5.02
N SER D 44 -15.70 -25.97 6.25
CA SER D 44 -16.85 -25.66 7.11
C SER D 44 -17.02 -24.17 7.38
N GLY D 45 -15.90 -23.43 7.46
CA GLY D 45 -15.98 -22.00 7.70
C GLY D 45 -15.64 -21.61 9.13
N LYS D 46 -14.56 -22.20 9.65
CA LYS D 46 -14.13 -21.95 11.02
C LYS D 46 -13.88 -20.48 11.36
N THR D 47 -13.79 -19.64 10.33
CA THR D 47 -13.58 -18.22 10.56
C THR D 47 -14.79 -17.68 11.34
N SER D 48 -15.94 -18.32 11.20
CA SER D 48 -17.14 -17.91 11.93
C SER D 48 -16.92 -18.11 13.43
N LEU D 49 -16.14 -19.12 13.79
CA LEU D 49 -15.84 -19.39 15.19
C LEU D 49 -14.94 -18.27 15.72
N ARG D 50 -14.02 -17.81 14.88
CA ARG D 50 -13.12 -16.74 15.30
C ARG D 50 -13.94 -15.50 15.65
N SER D 51 -14.97 -15.23 14.86
CA SER D 51 -15.82 -14.06 15.11
C SER D 51 -16.52 -14.17 16.45
N ALA D 52 -17.09 -15.34 16.73
CA ALA D 52 -17.79 -15.55 17.99
C ALA D 52 -16.87 -15.40 19.19
N ILE D 53 -15.64 -15.88 19.07
CA ILE D 53 -14.66 -15.80 20.14
C ILE D 53 -14.12 -14.39 20.31
N PHE D 54 -13.94 -13.69 19.20
CA PHE D 54 -13.45 -12.31 19.24
C PHE D 54 -14.48 -11.51 20.03
N GLU D 55 -15.75 -11.80 19.78
CA GLU D 55 -16.84 -11.12 20.46
C GLU D 55 -16.83 -11.44 21.95
N GLU D 56 -16.74 -12.72 22.28
CA GLU D 56 -16.73 -13.20 23.66
C GLU D 56 -15.62 -12.56 24.49
N THR D 57 -14.44 -12.44 23.91
CA THR D 57 -13.27 -11.89 24.59
C THR D 57 -13.14 -10.39 24.38
N GLN D 58 -14.15 -9.79 23.77
CA GLN D 58 -14.15 -8.37 23.48
C GLN D 58 -12.87 -7.97 22.76
N GLY D 59 -12.44 -8.83 21.84
CA GLY D 59 -11.25 -8.56 21.05
C GLY D 59 -9.89 -8.88 21.63
N ASN D 60 -9.82 -9.17 22.94
CA ASN D 60 -8.54 -9.47 23.55
C ASN D 60 -8.17 -10.94 23.42
N VAL D 61 -7.90 -11.38 22.20
CA VAL D 61 -7.56 -12.77 21.96
C VAL D 61 -6.62 -12.88 20.76
N ILE D 62 -5.69 -13.83 20.83
CA ILE D 62 -4.72 -14.04 19.77
C ILE D 62 -5.02 -15.35 19.05
N VAL D 63 -5.05 -15.30 17.72
CA VAL D 63 -5.34 -16.48 16.93
C VAL D 63 -4.05 -17.09 16.40
N ILE D 64 -3.85 -18.37 16.70
CA ILE D 64 -2.66 -19.09 16.24
C ILE D 64 -3.07 -20.06 15.13
N ASP D 65 -2.62 -19.75 13.92
CA ASP D 65 -2.96 -20.51 12.72
C ASP D 65 -1.67 -21.04 12.07
N ASN D 66 -1.41 -22.33 12.22
CA ASN D 66 -0.21 -22.95 11.67
C ASN D 66 0.09 -22.57 10.21
N ASP D 67 -0.93 -22.64 9.35
CA ASP D 67 -0.76 -22.33 7.94
C ASP D 67 -0.13 -20.98 7.60
N THR D 68 -0.36 -19.96 8.43
CA THR D 68 0.20 -18.64 8.16
C THR D 68 1.72 -18.54 8.24
N PHE D 69 2.38 -19.62 8.64
CA PHE D 69 3.85 -19.59 8.77
C PHE D 69 4.61 -20.40 7.73
N LYS D 70 3.91 -21.20 6.94
CA LYS D 70 4.58 -22.03 5.95
C LYS D 70 5.50 -21.30 4.97
N GLN D 71 5.03 -20.21 4.38
CA GLN D 71 5.84 -19.47 3.41
C GLN D 71 6.86 -18.57 4.08
N GLN D 72 7.02 -18.74 5.39
CA GLN D 72 7.94 -17.95 6.17
C GLN D 72 9.29 -18.67 6.33
N HIS D 73 9.36 -19.89 5.80
CA HIS D 73 10.61 -20.65 5.86
C HIS D 73 11.69 -19.75 5.27
N PRO D 74 12.81 -19.57 6.00
CA PRO D 74 13.91 -18.73 5.52
C PRO D 74 14.33 -18.95 4.08
N ASN D 75 14.33 -20.21 3.64
CA ASN D 75 14.73 -20.55 2.28
C ASN D 75 13.56 -20.89 1.37
N PHE D 76 12.40 -20.30 1.66
CA PHE D 76 11.21 -20.56 0.88
C PHE D 76 11.41 -20.36 -0.63
N ASP D 77 12.08 -19.28 -1.01
CA ASP D 77 12.31 -19.00 -2.43
C ASP D 77 13.09 -20.13 -3.11
N GLU D 78 14.20 -20.54 -2.52
CA GLU D 78 15.00 -21.61 -3.10
C GLU D 78 14.22 -22.92 -3.11
N LEU D 79 13.50 -23.19 -2.02
CA LEU D 79 12.71 -24.41 -1.91
C LEU D 79 11.65 -24.45 -3.02
N VAL D 80 11.03 -23.31 -3.29
CA VAL D 80 10.01 -23.22 -4.33
C VAL D 80 10.61 -23.49 -5.72
N LYS D 81 11.79 -22.95 -5.98
CA LYS D 81 12.41 -23.15 -7.27
C LYS D 81 12.74 -24.63 -7.49
N LEU D 82 13.02 -25.34 -6.40
CA LEU D 82 13.33 -26.76 -6.51
C LEU D 82 12.09 -27.64 -6.57
N TYR D 83 11.09 -27.31 -5.77
CA TYR D 83 9.88 -28.14 -5.69
C TYR D 83 8.57 -27.55 -6.18
N GLU D 84 8.56 -26.26 -6.48
CA GLU D 84 7.35 -25.61 -6.97
C GLU D 84 6.08 -25.98 -6.19
N LYS D 85 5.03 -26.40 -6.88
CA LYS D 85 3.79 -26.73 -6.18
C LYS D 85 3.87 -27.82 -5.11
N ASP D 86 4.96 -28.58 -5.11
CA ASP D 86 5.14 -29.63 -4.10
C ASP D 86 6.06 -29.17 -2.97
N VAL D 87 6.14 -27.85 -2.77
CA VAL D 87 6.99 -27.28 -1.73
C VAL D 87 6.40 -27.40 -0.33
N VAL D 88 5.08 -27.42 -0.25
CA VAL D 88 4.37 -27.49 1.04
C VAL D 88 4.96 -28.49 2.03
N LYS D 89 5.11 -29.74 1.61
CA LYS D 89 5.64 -30.77 2.49
C LYS D 89 7.03 -30.43 3.05
N HIS D 90 7.81 -29.68 2.28
CA HIS D 90 9.16 -29.32 2.71
C HIS D 90 9.21 -28.25 3.80
N VAL D 91 8.21 -27.39 3.87
CA VAL D 91 8.20 -26.33 4.87
C VAL D 91 7.27 -26.55 6.06
N THR D 92 6.45 -27.60 6.00
CA THR D 92 5.54 -27.89 7.09
C THR D 92 6.29 -28.06 8.42
N PRO D 93 7.45 -28.73 8.41
CA PRO D 93 8.20 -28.90 9.66
C PRO D 93 8.48 -27.55 10.32
N TYR D 94 8.91 -26.58 9.50
CA TYR D 94 9.19 -25.24 10.01
C TYR D 94 7.93 -24.66 10.63
N SER D 95 6.82 -24.71 9.89
CA SER D 95 5.58 -24.15 10.38
C SER D 95 5.15 -24.80 11.69
N ASN D 96 5.28 -26.12 11.76
CA ASN D 96 4.91 -26.85 12.97
C ASN D 96 5.75 -26.39 14.16
N ARG D 97 7.05 -26.25 13.95
CA ARG D 97 7.92 -25.80 15.03
C ARG D 97 7.60 -24.37 15.44
N MET D 98 7.34 -23.51 14.46
CA MET D 98 7.02 -22.11 14.75
C MET D 98 5.72 -22.02 15.53
N THR D 99 4.74 -22.81 15.13
CA THR D 99 3.44 -22.82 15.80
C THR D 99 3.59 -23.23 17.26
N GLU D 100 4.36 -24.29 17.50
CA GLU D 100 4.54 -24.75 18.87
C GLU D 100 5.33 -23.75 19.70
N ALA D 101 6.28 -23.07 19.06
CA ALA D 101 7.09 -22.07 19.77
C ALA D 101 6.21 -20.90 20.21
N ILE D 102 5.34 -20.45 19.32
CA ILE D 102 4.44 -19.34 19.61
C ILE D 102 3.44 -19.69 20.72
N ILE D 103 2.82 -20.87 20.62
CA ILE D 103 1.86 -21.30 21.62
C ILE D 103 2.53 -21.33 23.00
N SER D 104 3.74 -21.89 23.03
CA SER D 104 4.51 -22.00 24.27
C SER D 104 4.81 -20.64 24.88
N ARG D 105 5.29 -19.71 24.06
CA ARG D 105 5.62 -18.37 24.54
C ARG D 105 4.38 -17.60 24.99
N LEU D 106 3.37 -17.56 24.13
CA LEU D 106 2.15 -16.83 24.46
C LEU D 106 1.41 -17.44 25.66
N SER D 107 1.43 -18.77 25.79
CA SER D 107 0.75 -19.38 26.93
C SER D 107 1.56 -19.17 28.21
N ASP D 108 2.87 -18.94 28.08
CA ASP D 108 3.70 -18.69 29.26
C ASP D 108 3.32 -17.31 29.81
N GLN D 109 2.96 -16.40 28.91
CA GLN D 109 2.60 -15.04 29.30
C GLN D 109 1.14 -14.84 29.70
N GLY D 110 0.27 -15.76 29.30
CA GLY D 110 -1.13 -15.65 29.68
C GLY D 110 -2.10 -14.91 28.78
N TYR D 111 -1.87 -14.95 27.47
CA TYR D 111 -2.77 -14.29 26.54
C TYR D 111 -3.92 -15.25 26.25
N ASN D 112 -5.11 -14.72 25.96
CA ASN D 112 -6.23 -15.58 25.61
C ASN D 112 -5.87 -16.06 24.21
N LEU D 113 -6.07 -17.34 23.94
CA LEU D 113 -5.71 -17.89 22.64
C LEU D 113 -6.78 -18.64 21.87
N VAL D 114 -6.65 -18.59 20.54
CA VAL D 114 -7.52 -19.32 19.65
C VAL D 114 -6.54 -20.20 18.85
N ILE D 115 -6.77 -21.51 18.87
CA ILE D 115 -5.90 -22.41 18.15
C ILE D 115 -6.64 -23.11 17.01
N GLU D 116 -6.26 -22.72 15.79
CA GLU D 116 -6.84 -23.28 14.57
C GLU D 116 -6.65 -24.79 14.58
N GLY D 117 -7.68 -25.51 14.11
CA GLY D 117 -7.62 -26.96 14.07
C GLY D 117 -8.86 -27.55 13.45
N THR D 118 -8.80 -28.84 13.09
CA THR D 118 -9.94 -29.50 12.46
C THR D 118 -10.62 -30.49 13.41
N GLY D 119 -9.86 -30.99 14.38
CA GLY D 119 -10.41 -31.96 15.30
C GLY D 119 -10.40 -33.34 14.66
N ARG D 120 -9.54 -33.51 13.67
CA ARG D 120 -9.43 -34.79 12.98
C ARG D 120 -9.08 -35.91 13.97
N THR D 121 -8.29 -35.58 14.98
CA THR D 121 -7.88 -36.54 15.99
C THR D 121 -8.25 -35.99 17.37
N THR D 122 -8.12 -36.83 18.39
CA THR D 122 -8.42 -36.39 19.74
C THR D 122 -7.12 -36.17 20.52
N ASP D 123 -6.08 -36.92 20.15
CA ASP D 123 -4.79 -36.80 20.84
C ASP D 123 -4.18 -35.40 20.77
N VAL D 124 -4.32 -34.73 19.63
CA VAL D 124 -3.75 -33.39 19.50
C VAL D 124 -4.44 -32.39 20.44
N PRO D 125 -5.78 -32.26 20.36
CA PRO D 125 -6.45 -31.32 21.25
C PRO D 125 -6.30 -31.68 22.73
N ILE D 126 -6.34 -32.97 23.05
CA ILE D 126 -6.18 -33.40 24.43
C ILE D 126 -4.81 -32.96 24.91
N GLN D 127 -3.78 -33.25 24.12
CA GLN D 127 -2.42 -32.87 24.46
C GLN D 127 -2.31 -31.36 24.66
N THR D 128 -2.86 -30.59 23.74
CA THR D 128 -2.80 -29.14 23.85
C THR D 128 -3.54 -28.63 25.09
N ALA D 129 -4.78 -29.06 25.27
CA ALA D 129 -5.57 -28.63 26.42
C ALA D 129 -4.89 -28.95 27.74
N THR D 130 -4.36 -30.18 27.85
CA THR D 130 -3.68 -30.61 29.07
C THR D 130 -2.48 -29.71 29.37
N MET D 131 -1.66 -29.45 28.34
CA MET D 131 -0.49 -28.60 28.48
C MET D 131 -0.88 -27.19 28.94
N LEU D 132 -1.95 -26.67 28.36
CA LEU D 132 -2.42 -25.32 28.69
C LEU D 132 -3.02 -25.23 30.10
N GLN D 133 -3.80 -26.24 30.48
CA GLN D 133 -4.40 -26.22 31.81
C GLN D 133 -3.31 -26.23 32.88
N ALA D 134 -2.16 -26.83 32.53
CA ALA D 134 -1.04 -26.91 33.45
C ALA D 134 -0.43 -25.52 33.64
N LYS D 135 -0.78 -24.60 32.75
CA LYS D 135 -0.28 -23.23 32.84
C LYS D 135 -1.34 -22.28 33.37
N GLY D 136 -2.44 -22.86 33.86
CA GLY D 136 -3.51 -22.04 34.43
C GLY D 136 -4.60 -21.60 33.48
N TYR D 137 -4.67 -22.25 32.32
CA TYR D 137 -5.68 -21.90 31.32
C TYR D 137 -6.98 -22.65 31.47
N GLU D 138 -8.06 -22.01 31.06
CA GLU D 138 -9.36 -22.65 31.04
C GLU D 138 -9.35 -23.03 29.56
N THR D 139 -9.90 -24.19 29.21
CA THR D 139 -9.89 -24.59 27.80
C THR D 139 -11.27 -24.94 27.27
N LYS D 140 -11.60 -24.37 26.12
CA LYS D 140 -12.89 -24.61 25.49
C LYS D 140 -12.67 -25.15 24.09
N MET D 141 -13.71 -25.71 23.50
CA MET D 141 -13.61 -26.23 22.15
C MET D 141 -14.84 -25.82 21.37
N TYR D 142 -14.66 -24.91 20.42
CA TYR D 142 -15.74 -24.43 19.58
C TYR D 142 -15.58 -25.07 18.21
N VAL D 143 -16.63 -25.71 17.73
CA VAL D 143 -16.59 -26.45 16.47
C VAL D 143 -17.70 -26.10 15.48
N MET D 144 -17.36 -26.09 14.20
CA MET D 144 -18.35 -25.83 13.16
C MET D 144 -19.19 -27.09 12.95
N ALA D 145 -20.49 -26.89 12.74
CA ALA D 145 -21.42 -27.97 12.47
C ALA D 145 -22.04 -27.54 11.16
N VAL D 146 -21.53 -28.10 10.06
CA VAL D 146 -21.98 -27.73 8.72
C VAL D 146 -22.21 -28.95 7.84
N PRO D 147 -23.26 -28.93 7.01
CA PRO D 147 -23.54 -30.08 6.13
C PRO D 147 -22.31 -30.40 5.28
N LYS D 148 -21.97 -31.68 5.21
CA LYS D 148 -20.80 -32.10 4.44
C LYS D 148 -20.82 -31.60 2.99
N ILE D 149 -22.00 -31.48 2.39
CA ILE D 149 -22.06 -31.00 1.02
C ILE D 149 -21.66 -29.53 0.93
N ASN D 150 -22.01 -28.75 1.95
CA ASN D 150 -21.70 -27.32 1.97
C ASN D 150 -20.22 -27.09 2.24
N SER D 151 -19.62 -27.87 3.12
CA SER D 151 -18.20 -27.71 3.43
C SER D 151 -17.37 -28.20 2.25
N TYR D 152 -17.81 -29.28 1.61
CA TYR D 152 -17.09 -29.80 0.45
C TYR D 152 -17.07 -28.72 -0.64
N LEU D 153 -18.23 -28.14 -0.92
CA LEU D 153 -18.30 -27.10 -1.93
C LEU D 153 -17.40 -25.94 -1.50
N GLY D 154 -17.33 -25.73 -0.18
CA GLY D 154 -16.49 -24.66 0.34
C GLY D 154 -15.02 -24.89 0.03
N THR D 155 -14.55 -26.14 0.09
CA THR D 155 -13.15 -26.42 -0.20
C THR D 155 -12.88 -26.13 -1.66
N ILE D 156 -13.86 -26.42 -2.51
CA ILE D 156 -13.74 -26.17 -3.93
C ILE D 156 -13.73 -24.66 -4.19
N GLU D 157 -14.66 -23.93 -3.56
CA GLU D 157 -14.73 -22.50 -3.77
C GLU D 157 -13.47 -21.80 -3.25
N ARG D 158 -12.98 -22.24 -2.10
CA ARG D 158 -11.78 -21.67 -1.53
C ARG D 158 -10.63 -21.82 -2.54
N TYR D 159 -10.44 -23.03 -3.04
CA TYR D 159 -9.38 -23.30 -4.02
C TYR D 159 -9.50 -22.43 -5.27
N GLU D 160 -10.68 -22.41 -5.88
CA GLU D 160 -10.88 -21.62 -7.09
C GLU D 160 -10.64 -20.14 -6.87
N THR D 161 -11.01 -19.66 -5.69
CA THR D 161 -10.82 -18.25 -5.38
C THR D 161 -9.34 -17.97 -5.19
N MET D 162 -8.64 -18.84 -4.47
CA MET D 162 -7.20 -18.65 -4.25
C MET D 162 -6.50 -18.73 -5.60
N TYR D 163 -6.97 -19.61 -6.46
CA TYR D 163 -6.38 -19.79 -7.78
C TYR D 163 -6.50 -18.49 -8.58
N ALA D 164 -7.67 -17.86 -8.51
CA ALA D 164 -7.90 -16.61 -9.21
C ALA D 164 -6.94 -15.54 -8.70
N ASP D 165 -6.65 -15.57 -7.41
CA ASP D 165 -5.75 -14.60 -6.81
C ASP D 165 -4.29 -14.85 -7.16
N ASP D 166 -3.88 -16.11 -7.06
CA ASP D 166 -2.51 -16.49 -7.37
C ASP D 166 -2.46 -17.93 -7.85
N PRO D 167 -2.44 -18.15 -9.17
CA PRO D 167 -2.39 -19.46 -9.82
C PRO D 167 -1.18 -20.28 -9.38
N MET D 168 -0.15 -19.59 -8.93
CA MET D 168 1.09 -20.22 -8.50
C MET D 168 0.98 -21.07 -7.24
N THR D 169 0.49 -20.46 -6.16
CA THR D 169 0.39 -21.14 -4.88
C THR D 169 -0.93 -21.81 -4.52
N ALA D 170 -1.94 -21.67 -5.37
CA ALA D 170 -3.24 -22.27 -5.07
C ALA D 170 -3.16 -23.80 -5.11
N ARG D 171 -3.71 -24.44 -4.09
CA ARG D 171 -3.74 -25.90 -4.03
C ARG D 171 -5.00 -26.42 -3.36
N ALA D 172 -5.69 -27.32 -4.06
CA ALA D 172 -6.94 -27.87 -3.57
C ALA D 172 -6.82 -28.71 -2.30
N THR D 173 -7.94 -28.84 -1.60
CA THR D 173 -8.02 -29.63 -0.39
C THR D 173 -8.44 -31.03 -0.85
N PRO D 174 -7.64 -32.05 -0.54
CA PRO D 174 -8.03 -33.40 -0.97
C PRO D 174 -9.40 -33.72 -0.38
N LYS D 175 -10.28 -34.29 -1.19
CA LYS D 175 -11.61 -34.62 -0.68
C LYS D 175 -11.46 -35.65 0.44
N GLN D 176 -10.39 -36.43 0.38
CA GLN D 176 -10.14 -37.43 1.42
C GLN D 176 -9.91 -36.75 2.76
N ALA D 177 -9.16 -35.67 2.76
CA ALA D 177 -8.86 -34.93 3.98
C ALA D 177 -10.15 -34.33 4.56
N HIS D 178 -11.02 -33.88 3.67
CA HIS D 178 -12.30 -33.33 4.09
C HIS D 178 -13.18 -34.43 4.67
N ASP D 179 -13.29 -35.53 3.93
CA ASP D 179 -14.14 -36.64 4.37
C ASP D 179 -13.67 -37.33 5.65
N ILE D 180 -12.38 -37.42 5.86
CA ILE D 180 -11.88 -38.07 7.07
C ILE D 180 -12.28 -37.31 8.33
N VAL D 181 -12.28 -35.97 8.26
CA VAL D 181 -12.67 -35.17 9.41
C VAL D 181 -14.17 -35.32 9.64
N VAL D 182 -14.93 -35.25 8.56
CA VAL D 182 -16.39 -35.40 8.62
C VAL D 182 -16.73 -36.73 9.30
N LYS D 183 -16.04 -37.79 8.91
CA LYS D 183 -16.31 -39.11 9.46
C LYS D 183 -15.95 -39.30 10.94
N ASN D 184 -14.83 -38.73 11.36
CA ASN D 184 -14.39 -38.89 12.75
C ASN D 184 -14.80 -37.84 13.76
N LEU D 185 -15.08 -36.62 13.32
CA LEU D 185 -15.40 -35.53 14.23
C LEU D 185 -16.49 -35.79 15.28
N PRO D 186 -17.66 -36.33 14.88
CA PRO D 186 -18.72 -36.61 15.86
C PRO D 186 -18.24 -37.50 17.01
N THR D 187 -17.65 -38.64 16.67
CA THR D 187 -17.14 -39.57 17.68
C THR D 187 -16.04 -38.91 18.51
N ASN D 188 -15.18 -38.14 17.84
CA ASN D 188 -14.10 -37.45 18.53
C ASN D 188 -14.60 -36.46 19.58
N LEU D 189 -15.66 -35.72 19.26
CA LEU D 189 -16.19 -34.75 20.22
C LEU D 189 -16.77 -35.44 21.45
N GLU D 190 -17.39 -36.61 21.26
CA GLU D 190 -17.93 -37.33 22.42
C GLU D 190 -16.77 -37.78 23.28
N THR D 191 -15.70 -38.25 22.64
CA THR D 191 -14.51 -38.67 23.36
C THR D 191 -13.96 -37.51 24.17
N LEU D 192 -13.92 -36.33 23.55
CA LEU D 192 -13.41 -35.14 24.24
C LEU D 192 -14.37 -34.74 25.34
N HIS D 193 -15.67 -34.96 25.11
CA HIS D 193 -16.68 -34.63 26.09
C HIS D 193 -16.39 -35.40 27.39
N LYS D 194 -16.09 -36.69 27.23
CA LYS D 194 -15.81 -37.56 28.37
C LYS D 194 -14.57 -37.22 29.18
N THR D 195 -13.59 -36.56 28.56
CA THR D 195 -12.37 -36.21 29.28
C THR D 195 -12.61 -35.12 30.31
N GLY D 196 -13.64 -34.31 30.10
CA GLY D 196 -13.93 -33.24 31.04
C GLY D 196 -12.87 -32.14 31.01
N LEU D 197 -11.98 -32.20 30.02
CA LEU D 197 -10.94 -31.20 29.89
C LEU D 197 -11.49 -29.84 29.47
N PHE D 198 -12.58 -29.86 28.71
CA PHE D 198 -13.17 -28.63 28.22
C PHE D 198 -14.36 -28.13 29.05
N SER D 199 -14.28 -26.89 29.51
CA SER D 199 -15.35 -26.30 30.30
C SER D 199 -16.62 -26.22 29.48
N ASP D 200 -16.46 -26.04 28.17
CA ASP D 200 -17.60 -25.94 27.27
C ASP D 200 -17.21 -26.36 25.84
N ILE D 201 -18.02 -27.24 25.25
CA ILE D 201 -17.80 -27.68 23.89
C ILE D 201 -19.01 -27.16 23.14
N ARG D 202 -18.78 -26.35 22.10
CA ARG D 202 -19.88 -25.77 21.34
C ARG D 202 -19.85 -26.09 19.85
N LEU D 203 -21.04 -26.09 19.25
CA LEU D 203 -21.21 -26.30 17.83
C LEU D 203 -21.84 -25.01 17.31
N TYR D 204 -21.34 -24.51 16.19
CA TYR D 204 -21.82 -23.28 15.56
C TYR D 204 -22.09 -23.49 14.08
N ASN D 205 -22.99 -22.69 13.51
CA ASN D 205 -23.23 -22.78 12.08
C ASN D 205 -22.49 -21.58 11.47
N ARG D 206 -22.54 -21.42 10.16
CA ARG D 206 -21.82 -20.33 9.51
C ARG D 206 -22.22 -18.91 9.90
N GLU D 207 -23.44 -18.72 10.39
CA GLU D 207 -23.87 -17.39 10.79
C GLU D 207 -23.53 -17.09 12.25
N GLY D 208 -22.70 -17.94 12.85
CA GLY D 208 -22.32 -17.72 14.23
C GLY D 208 -23.38 -18.08 15.25
N VAL D 209 -24.36 -18.88 14.84
CA VAL D 209 -25.43 -19.30 15.74
C VAL D 209 -24.99 -20.52 16.55
N LYS D 210 -25.10 -20.42 17.88
CA LYS D 210 -24.72 -21.51 18.77
C LYS D 210 -25.79 -22.60 18.72
N LEU D 211 -25.41 -23.78 18.26
CA LEU D 211 -26.33 -24.91 18.12
C LEU D 211 -26.25 -25.93 19.25
N TYR D 212 -25.16 -25.88 20.01
CA TYR D 212 -24.97 -26.82 21.11
C TYR D 212 -23.92 -26.30 22.07
N SER D 213 -24.07 -26.67 23.34
CA SER D 213 -23.14 -26.26 24.38
C SER D 213 -23.16 -27.31 25.50
N SER D 214 -22.06 -28.02 25.66
CA SER D 214 -21.97 -29.05 26.69
C SER D 214 -22.13 -28.44 28.08
N LEU D 215 -21.75 -27.18 28.22
CA LEU D 215 -21.89 -26.49 29.49
C LEU D 215 -23.38 -26.35 29.82
N GLU D 216 -24.17 -26.06 28.78
CA GLU D 216 -25.61 -25.87 28.92
C GLU D 216 -26.41 -27.16 29.00
N THR D 217 -25.94 -28.20 28.33
CA THR D 217 -26.60 -29.50 28.33
C THR D 217 -25.52 -30.57 28.55
N PRO D 218 -25.01 -30.67 29.79
CA PRO D 218 -23.96 -31.62 30.17
C PRO D 218 -24.13 -33.08 29.78
N SER D 219 -25.36 -33.59 29.87
CA SER D 219 -25.60 -34.99 29.53
C SER D 219 -25.88 -35.27 28.06
N ILE D 220 -25.97 -34.22 27.26
CA ILE D 220 -26.22 -34.40 25.83
C ILE D 220 -24.88 -34.46 25.12
N SER D 221 -24.63 -35.56 24.41
CA SER D 221 -23.38 -35.72 23.68
C SER D 221 -23.39 -34.82 22.45
N PRO D 222 -22.21 -34.32 22.04
CA PRO D 222 -22.15 -33.44 20.87
C PRO D 222 -22.32 -34.26 19.58
N LYS D 223 -22.06 -35.56 19.70
CA LYS D 223 -22.09 -36.48 18.56
C LYS D 223 -23.31 -36.45 17.65
N GLU D 224 -24.47 -36.84 18.18
CA GLU D 224 -25.70 -36.90 17.39
C GLU D 224 -26.08 -35.56 16.75
N THR D 225 -25.94 -34.47 17.50
CA THR D 225 -26.29 -33.17 16.97
C THR D 225 -25.38 -32.84 15.78
N LEU D 226 -24.09 -33.10 15.92
CA LEU D 226 -23.16 -32.81 14.84
C LEU D 226 -23.44 -33.68 13.62
N GLU D 227 -23.70 -34.97 13.85
CA GLU D 227 -23.97 -35.89 12.76
C GLU D 227 -25.19 -35.42 11.97
N LYS D 228 -26.23 -35.03 12.70
CA LYS D 228 -27.46 -34.58 12.07
C LYS D 228 -27.18 -33.42 11.11
N GLU D 229 -26.39 -32.45 11.55
CA GLU D 229 -26.06 -31.33 10.68
C GLU D 229 -25.19 -31.78 9.51
N LEU D 230 -24.17 -32.57 9.79
CA LEU D 230 -23.28 -33.05 8.74
C LEU D 230 -24.02 -33.79 7.62
N ASN D 231 -25.03 -34.57 7.99
CA ASN D 231 -25.78 -35.35 7.02
C ASN D 231 -27.09 -34.73 6.55
N ARG D 232 -27.37 -33.53 7.02
CA ARG D 232 -28.60 -32.84 6.64
C ARG D 232 -28.69 -32.67 5.12
N LYS D 233 -29.85 -32.99 4.55
CA LYS D 233 -30.05 -32.85 3.11
C LYS D 233 -30.29 -31.39 2.75
N VAL D 234 -29.39 -30.81 1.98
CA VAL D 234 -29.49 -29.41 1.59
C VAL D 234 -30.37 -29.24 0.34
N SER D 235 -31.37 -28.38 0.46
CA SER D 235 -32.31 -28.13 -0.63
C SER D 235 -31.65 -27.46 -1.83
N GLY D 236 -32.22 -27.69 -3.01
CA GLY D 236 -31.67 -27.10 -4.22
C GLY D 236 -31.72 -25.58 -4.12
N LYS D 237 -32.76 -25.08 -3.47
CA LYS D 237 -32.94 -23.65 -3.30
C LYS D 237 -31.76 -23.05 -2.54
N GLU D 238 -31.29 -23.78 -1.54
CA GLU D 238 -30.17 -23.31 -0.72
C GLU D 238 -28.81 -23.53 -1.39
N ILE D 239 -28.71 -24.61 -2.16
CA ILE D 239 -27.45 -24.93 -2.81
C ILE D 239 -27.23 -24.32 -4.21
N GLN D 240 -28.30 -24.07 -4.95
CA GLN D 240 -28.17 -23.52 -6.29
C GLN D 240 -27.28 -22.27 -6.40
N PRO D 241 -27.48 -21.29 -5.50
CA PRO D 241 -26.67 -20.07 -5.52
C PRO D 241 -25.17 -20.35 -5.44
N THR D 242 -24.79 -21.22 -4.53
CA THR D 242 -23.38 -21.57 -4.35
C THR D 242 -22.84 -22.26 -5.59
N LEU D 243 -23.62 -23.22 -6.13
CA LEU D 243 -23.21 -23.94 -7.32
C LEU D 243 -22.90 -22.98 -8.46
N GLU D 244 -23.81 -22.05 -8.72
CA GLU D 244 -23.63 -21.08 -9.79
C GLU D 244 -22.42 -20.19 -9.54
N ARG D 245 -22.26 -19.72 -8.31
CA ARG D 245 -21.14 -18.87 -7.97
C ARG D 245 -19.83 -19.61 -8.26
N ILE D 246 -19.74 -20.86 -7.83
CA ILE D 246 -18.55 -21.67 -8.05
C ILE D 246 -18.35 -21.96 -9.54
N GLU D 247 -19.45 -22.30 -10.21
CA GLU D 247 -19.43 -22.59 -11.63
C GLU D 247 -18.78 -21.42 -12.37
N GLN D 248 -19.28 -20.21 -12.13
CA GLN D 248 -18.75 -19.02 -12.79
C GLN D 248 -17.26 -18.80 -12.51
N LYS D 249 -16.81 -19.11 -11.30
CA LYS D 249 -15.40 -18.94 -10.97
C LYS D 249 -14.53 -19.96 -11.68
N MET D 250 -15.05 -21.18 -11.83
CA MET D 250 -14.30 -22.23 -12.51
C MET D 250 -14.16 -21.93 -14.00
N VAL D 251 -15.21 -21.35 -14.58
CA VAL D 251 -15.17 -21.01 -16.01
C VAL D 251 -14.06 -19.98 -16.20
N LEU D 252 -14.04 -18.98 -15.33
CA LEU D 252 -13.03 -17.93 -15.39
C LEU D 252 -11.63 -18.54 -15.24
N ASN D 253 -11.49 -19.50 -14.33
CA ASN D 253 -10.20 -20.16 -14.11
C ASN D 253 -9.89 -21.21 -15.16
N LYS D 254 -10.77 -21.37 -16.13
CA LYS D 254 -10.56 -22.37 -17.19
C LYS D 254 -10.43 -23.77 -16.56
N HIS D 255 -11.36 -24.09 -15.67
CA HIS D 255 -11.37 -25.39 -14.99
C HIS D 255 -12.62 -26.20 -15.30
N GLN D 256 -13.19 -26.00 -16.49
CA GLN D 256 -14.39 -26.72 -16.87
C GLN D 256 -14.12 -28.22 -17.11
N GLU D 257 -12.91 -28.56 -17.51
CA GLU D 257 -12.57 -29.96 -17.77
C GLU D 257 -12.08 -30.66 -16.50
N THR D 258 -12.93 -30.68 -15.49
CA THR D 258 -12.64 -31.34 -14.22
C THR D 258 -13.91 -32.03 -13.75
N PRO D 259 -13.78 -33.13 -12.99
CA PRO D 259 -14.95 -33.85 -12.48
C PRO D 259 -15.78 -32.94 -11.58
N GLU D 260 -15.10 -32.03 -10.90
CA GLU D 260 -15.78 -31.10 -10.00
C GLU D 260 -16.74 -30.19 -10.78
N PHE D 261 -16.25 -29.62 -11.87
CA PHE D 261 -17.08 -28.73 -12.67
C PHE D 261 -18.24 -29.48 -13.32
N LYS D 262 -17.96 -30.67 -13.83
CA LYS D 262 -19.00 -31.46 -14.47
C LYS D 262 -20.07 -31.90 -13.48
N ALA D 263 -19.65 -32.26 -12.27
CA ALA D 263 -20.58 -32.68 -11.22
C ALA D 263 -21.47 -31.51 -10.80
N ILE D 264 -20.91 -30.30 -10.79
CA ILE D 264 -21.67 -29.12 -10.41
C ILE D 264 -22.68 -28.81 -11.51
N GLN D 265 -22.30 -29.06 -12.75
CA GLN D 265 -23.17 -28.82 -13.89
C GLN D 265 -24.40 -29.70 -13.81
N GLN D 266 -24.19 -30.99 -13.59
CA GLN D 266 -25.27 -31.95 -13.49
C GLN D 266 -26.14 -31.66 -12.28
N LYS D 267 -25.51 -31.55 -11.11
CA LYS D 267 -26.23 -31.27 -9.88
C LYS D 267 -27.04 -29.98 -10.03
N LEU D 268 -26.56 -29.09 -10.89
CA LEU D 268 -27.21 -27.81 -11.13
C LEU D 268 -28.31 -27.95 -12.16
N GLU D 269 -27.99 -28.55 -13.31
CA GLU D 269 -28.98 -28.75 -14.36
C GLU D 269 -30.05 -29.72 -13.89
N SER D 270 -29.72 -30.47 -12.83
CA SER D 270 -30.65 -31.43 -12.25
C SER D 270 -31.60 -30.67 -11.32
N LEU D 271 -31.79 -29.38 -11.62
CA LEU D 271 -32.67 -28.52 -10.84
C LEU D 271 -33.46 -27.61 -11.78
N GLN D 272 -34.15 -28.13 -12.68
#